data_6K3E
#
_entry.id   6K3E
#
_cell.length_a   121.510
_cell.length_b   179.440
_cell.length_c   234.410
_cell.angle_alpha   90.00
_cell.angle_beta   90.00
_cell.angle_gamma   90.00
#
_symmetry.space_group_name_H-M   'I 2 2 2'
#
loop_
_entity.id
_entity.type
_entity.pdbx_description
1 polymer 'Lysine-specific histone demethylase 1A'
2 polymer 'REST corepressor 1'
3 non-polymer 'piperidin-4-ylmethyl 4-fluoranyl-4-[[[(1~{R},2~{S})-2-phenylcyclopropyl]amino]methyl]piperidine-1-carboxylate'
4 non-polymer 2,3-DIHYDROXY-1,4-DITHIOBUTANE
5 non-polymer 'ACETATE ION'
6 non-polymer 'MALONIC ACID'
7 non-polymer GLYCEROL
8 non-polymer '2-PCPA derivative'
9 non-polymer 1,2-ETHANEDIOL
10 non-polymer DI(HYDROXYETHYL)ETHER
11 non-polymer 'CHLORIDE ION'
12 water water
#
loop_
_entity_poly.entity_id
_entity_poly.type
_entity_poly.pdbx_seq_one_letter_code
_entity_poly.pdbx_strand_id
1 'polypeptide(L)'
;SGVEGAAFQSRLPHDRMTSQEAACFPDIISGPQQTQKVFLFIRNRTLQLWLDNPKIQLTFEATLQQLEAPYNSDTVLVHR
VHSYLERHGLINFGIYKRIKPLPTKKTGKVIIIGSGVSGLAAARQLQSFGMDVTLLEARDRVGGRVATFRKGNYVADLGA
MVVTGLGGNPMAVVSKQVNMELAKIKQKCPLYEANGQAVPKEKDEMVEQEFNRLLEATSYLSHQLDFNVLNNKPVSLGQA
LEVVIQLQEKHVKDEQIEHWKKIVKTQEELKELLNKMVNLKEKIKELHQQYKEASEVKPPRDITAEFLVKSKHRDLTALC
KEYDELAETQGKLEEKLQELEANPPSDVYLSSRDRQILDWHFANLEFANATPLSTLSLKHWDQDDDFEFTGSHLTVRNGY
SCVPVALAEGLDIKLNTAVRQVRYTASGCEVIAVNTRSTSQTFIYKCDAVLCTLPLGVLKQQPPAVQFVPPLPEWKTSAV
QRMGFGNLNKVVLCFDRVFWDPSVNLFGHVGSTTASRGELFLFWNLYKAPILLALVAGEAAGIMENISDDVIVGRCLAIL
KGIFGSSAVPQPKETVVSRWRADPWARGSYSYVAAGSSGNDYDLMAQPITPGPSIPGAPQPIPRLFFAGEHTIRNYPATV
HGALLSGLREAGRIADQFLGAM
;
A
2 'polypeptide(L)'
;GSSGSASRKPPKGMFLSQEDVEAVSANATAATTVLRQLDMELVSVKRQIQNIKQTNSALKEKLDGGIEPYRLPEVIQKCN
ARWTTEEQLLAVQAIRKYGRDFQAISDVIGNKSVVQVKNFFVNYRRRFNIDEVLQEWEAE
;
B
#
# COMPACT_ATOMS: atom_id res chain seq x y z
N GLY A 2 -31.69 8.54 -12.75
CA GLY A 2 -32.67 9.55 -13.25
C GLY A 2 -31.98 10.76 -13.84
N VAL A 3 -32.33 11.97 -13.37
CA VAL A 3 -31.52 13.21 -13.61
C VAL A 3 -30.28 13.10 -12.72
N GLU A 4 -30.45 12.53 -11.52
CA GLU A 4 -29.40 12.41 -10.49
C GLU A 4 -28.14 11.77 -11.11
N GLY A 5 -28.32 10.91 -12.13
CA GLY A 5 -27.24 10.14 -12.76
C GLY A 5 -26.40 11.01 -13.67
N ALA A 6 -27.03 11.98 -14.32
CA ALA A 6 -26.36 12.99 -15.17
C ALA A 6 -25.50 13.94 -14.32
N ALA A 7 -25.93 14.27 -13.10
CA ALA A 7 -25.12 15.04 -12.13
C ALA A 7 -23.85 14.25 -11.75
N PHE A 8 -24.01 12.97 -11.46
CA PHE A 8 -22.85 12.10 -11.11
C PHE A 8 -21.96 11.97 -12.36
N GLN A 9 -22.56 11.88 -13.55
CA GLN A 9 -21.81 11.65 -14.81
C GLN A 9 -21.09 12.97 -15.19
N SER A 10 -21.61 14.11 -14.74
CA SER A 10 -20.94 15.41 -14.95
C SER A 10 -20.06 15.75 -13.72
N ARG A 11 -19.76 14.75 -12.88
CA ARG A 11 -18.91 14.88 -11.67
C ARG A 11 -19.50 15.89 -10.67
N LEU A 12 -20.83 16.04 -10.59
CA LEU A 12 -21.49 17.01 -9.67
C LEU A 12 -22.42 16.31 -8.69
N PRO A 13 -22.52 16.84 -7.44
CA PRO A 13 -23.55 16.42 -6.51
C PRO A 13 -24.95 16.87 -6.97
N HIS A 14 -25.87 15.92 -7.16
CA HIS A 14 -27.28 16.15 -7.62
C HIS A 14 -28.03 17.04 -6.62
N ASP A 15 -27.73 16.96 -5.32
CA ASP A 15 -28.56 17.53 -4.23
C ASP A 15 -27.96 18.87 -3.74
N ARG A 16 -26.74 19.23 -4.09
CA ARG A 16 -26.12 20.47 -3.56
C ARG A 16 -25.56 21.34 -4.70
N MET A 17 -25.47 22.65 -4.44
CA MET A 17 -24.84 23.59 -5.39
C MET A 17 -23.35 23.62 -5.07
N THR A 18 -22.51 23.60 -6.13
CA THR A 18 -21.03 23.62 -6.10
C THR A 18 -20.55 25.04 -5.79
N SER A 19 -19.29 25.21 -5.39
CA SER A 19 -18.61 26.53 -5.25
C SER A 19 -18.71 27.31 -6.56
N GLN A 20 -18.41 26.66 -7.70
CA GLN A 20 -18.51 27.27 -9.06
C GLN A 20 -19.90 27.90 -9.26
N GLU A 21 -20.94 27.20 -8.81
CA GLU A 21 -22.35 27.61 -8.98
C GLU A 21 -22.59 28.80 -8.05
N ALA A 22 -22.20 28.70 -6.78
CA ALA A 22 -22.35 29.80 -5.82
C ALA A 22 -21.76 31.11 -6.38
N ALA A 23 -20.74 31.00 -7.21
CA ALA A 23 -20.01 32.21 -7.66
C ALA A 23 -20.88 32.88 -8.71
N CYS A 24 -21.51 32.06 -9.55
CA CYS A 24 -22.35 32.48 -10.69
C CYS A 24 -23.81 32.70 -10.35
N PHE A 25 -24.33 32.15 -9.26
CA PHE A 25 -25.77 32.19 -8.91
C PHE A 25 -25.87 32.49 -7.44
N PRO A 26 -25.19 33.56 -7.00
CA PRO A 26 -25.19 33.96 -5.60
C PRO A 26 -26.57 34.34 -5.08
N ASP A 27 -27.42 34.88 -5.95
CA ASP A 27 -28.81 35.25 -5.55
C ASP A 27 -29.44 33.95 -5.02
N ILE A 28 -29.33 32.87 -5.79
CA ILE A 28 -30.05 31.58 -5.59
C ILE A 28 -29.57 30.88 -4.31
N ILE A 29 -28.28 30.65 -4.28
CA ILE A 29 -27.61 29.86 -3.23
C ILE A 29 -27.71 30.64 -1.90
N SER A 30 -27.85 31.98 -1.90
CA SER A 30 -27.85 32.81 -0.66
C SER A 30 -29.27 32.92 -0.10
N GLY A 31 -30.24 32.51 -0.92
CA GLY A 31 -31.65 32.77 -0.70
C GLY A 31 -32.43 31.49 -0.44
N PRO A 32 -33.71 31.46 -0.83
CA PRO A 32 -34.63 30.41 -0.38
C PRO A 32 -34.33 29.00 -0.90
N GLN A 33 -34.34 28.03 0.04
CA GLN A 33 -34.15 26.58 -0.20
C GLN A 33 -35.01 26.08 -1.37
N GLN A 34 -36.19 26.67 -1.58
CA GLN A 34 -37.11 26.23 -2.66
C GLN A 34 -36.37 26.41 -4.00
N THR A 35 -35.91 27.64 -4.28
CA THR A 35 -35.33 28.05 -5.59
C THR A 35 -34.05 27.25 -5.86
N GLN A 36 -33.30 26.90 -4.80
CA GLN A 36 -32.07 26.05 -4.90
C GLN A 36 -32.44 24.76 -5.64
N LYS A 37 -33.51 24.10 -5.19
CA LYS A 37 -33.96 22.78 -5.71
C LYS A 37 -34.41 22.93 -7.17
N VAL A 38 -34.98 24.09 -7.49
CA VAL A 38 -35.45 24.42 -8.86
C VAL A 38 -34.22 24.46 -9.76
N PHE A 39 -33.26 25.28 -9.34
CA PHE A 39 -31.94 25.48 -9.98
C PHE A 39 -31.35 24.11 -10.26
N LEU A 40 -31.24 23.30 -9.20
CA LEU A 40 -30.53 22.00 -9.21
C LEU A 40 -31.23 21.06 -10.20
N PHE A 41 -32.57 21.01 -10.19
CA PHE A 41 -33.32 20.21 -11.20
C PHE A 41 -32.94 20.70 -12.61
N ILE A 42 -33.01 22.01 -12.84
CA ILE A 42 -32.86 22.59 -14.20
C ILE A 42 -31.48 22.15 -14.72
N ARG A 43 -30.48 22.30 -13.84
CA ARG A 43 -29.08 21.96 -14.14
C ARG A 43 -29.07 20.48 -14.49
N ASN A 44 -29.50 19.64 -13.54
CA ASN A 44 -29.43 18.15 -13.66
C ASN A 44 -30.15 17.76 -14.96
N ARG A 45 -31.25 18.42 -15.29
CA ARG A 45 -32.08 18.00 -16.45
C ARG A 45 -31.32 18.33 -17.73
N THR A 46 -30.79 19.56 -17.79
CA THR A 46 -30.09 20.10 -18.98
C THR A 46 -28.86 19.24 -19.29
N LEU A 47 -28.23 18.73 -18.22
CA LEU A 47 -27.07 17.81 -18.31
C LEU A 47 -27.57 16.51 -18.91
N GLN A 48 -28.62 15.94 -18.30
CA GLN A 48 -29.24 14.68 -18.75
C GLN A 48 -29.51 14.83 -20.24
N LEU A 49 -30.07 15.98 -20.61
CA LEU A 49 -30.49 16.21 -22.01
C LEU A 49 -29.26 16.13 -22.93
N TRP A 50 -28.22 16.91 -22.61
CA TRP A 50 -26.92 16.93 -23.34
C TRP A 50 -26.41 15.49 -23.45
N LEU A 51 -26.47 14.78 -22.34
CA LEU A 51 -25.73 13.52 -22.15
C LEU A 51 -26.38 12.40 -22.95
N ASP A 52 -27.73 12.36 -22.91
CA ASP A 52 -28.58 11.36 -23.60
C ASP A 52 -28.42 11.46 -25.12
N ASN A 53 -27.76 12.51 -25.62
CA ASN A 53 -27.30 12.57 -27.03
C ASN A 53 -26.31 13.71 -27.19
N PRO A 54 -25.00 13.43 -27.07
CA PRO A 54 -24.00 14.49 -27.16
C PRO A 54 -23.38 14.61 -28.55
N LYS A 55 -24.05 14.12 -29.59
CA LYS A 55 -23.53 14.26 -30.99
C LYS A 55 -24.15 15.50 -31.66
N ILE A 56 -25.11 16.17 -31.01
CA ILE A 56 -25.72 17.42 -31.51
C ILE A 56 -25.78 18.45 -30.39
N GLN A 57 -25.42 19.69 -30.74
CA GLN A 57 -25.52 20.89 -29.87
C GLN A 57 -26.88 20.87 -29.16
N LEU A 58 -26.90 21.18 -27.87
CA LEU A 58 -28.13 21.45 -27.07
C LEU A 58 -28.31 22.96 -26.92
N THR A 59 -29.12 23.54 -27.81
CA THR A 59 -29.55 24.97 -27.83
C THR A 59 -30.30 25.31 -26.54
N PHE A 60 -30.41 26.60 -26.21
CA PHE A 60 -31.29 27.11 -25.12
C PHE A 60 -32.74 26.73 -25.38
N GLU A 61 -33.14 26.72 -26.66
CA GLU A 61 -34.53 26.49 -27.11
C GLU A 61 -34.88 25.05 -26.75
N ALA A 62 -34.11 24.10 -27.31
CA ALA A 62 -34.30 22.65 -27.14
C ALA A 62 -34.46 22.33 -25.65
N THR A 63 -33.72 23.05 -24.79
CA THR A 63 -33.68 22.80 -23.33
C THR A 63 -35.06 23.20 -22.79
N LEU A 64 -35.49 24.42 -23.10
CA LEU A 64 -36.77 24.98 -22.62
C LEU A 64 -37.93 24.10 -23.13
N GLN A 65 -37.88 23.66 -24.40
CA GLN A 65 -38.82 22.67 -24.97
C GLN A 65 -39.08 21.56 -23.93
N GLN A 66 -38.05 20.79 -23.57
CA GLN A 66 -38.20 19.51 -22.83
C GLN A 66 -38.29 19.75 -21.32
N LEU A 67 -38.29 21.00 -20.86
CA LEU A 67 -38.43 21.29 -19.42
C LEU A 67 -39.91 21.18 -19.00
N GLU A 68 -40.16 20.81 -17.75
CA GLU A 68 -41.51 20.73 -17.11
C GLU A 68 -41.92 22.13 -16.66
N ALA A 69 -43.17 22.33 -16.22
CA ALA A 69 -43.55 23.43 -15.30
C ALA A 69 -43.47 22.84 -13.89
N PRO A 70 -43.23 23.63 -12.79
CA PRO A 70 -43.02 25.08 -12.87
C PRO A 70 -41.57 25.51 -13.21
N TYR A 71 -40.85 24.67 -13.95
CA TYR A 71 -39.39 24.80 -14.22
C TYR A 71 -39.18 25.68 -15.46
N ASN A 72 -39.96 25.46 -16.52
CA ASN A 72 -39.99 26.32 -17.73
C ASN A 72 -40.77 27.61 -17.45
N SER A 73 -41.25 27.80 -16.23
CA SER A 73 -41.69 29.11 -15.69
C SER A 73 -40.62 30.18 -16.00
N ASP A 74 -39.58 30.24 -15.16
CA ASP A 74 -38.58 31.35 -15.11
C ASP A 74 -37.59 31.12 -16.25
N THR A 75 -37.69 31.83 -17.37
CA THR A 75 -36.88 31.46 -18.56
C THR A 75 -35.52 32.16 -18.47
N VAL A 76 -35.45 33.31 -17.77
CA VAL A 76 -34.12 33.92 -17.48
C VAL A 76 -33.28 32.88 -16.71
N LEU A 77 -33.84 32.26 -15.67
CA LEU A 77 -33.10 31.25 -14.86
C LEU A 77 -32.66 30.08 -15.74
N VAL A 78 -33.57 29.47 -16.50
CA VAL A 78 -33.20 28.37 -17.43
C VAL A 78 -32.08 28.86 -18.37
N HIS A 79 -32.15 30.08 -18.89
CA HIS A 79 -31.11 30.65 -19.79
C HIS A 79 -29.77 30.73 -19.06
N ARG A 80 -29.70 31.50 -17.97
CA ARG A 80 -28.49 31.63 -17.10
C ARG A 80 -27.82 30.26 -16.86
N VAL A 81 -28.60 29.27 -16.46
CA VAL A 81 -28.14 27.88 -16.22
C VAL A 81 -27.54 27.30 -17.50
N HIS A 82 -28.27 27.30 -18.61
CA HIS A 82 -27.80 26.66 -19.87
C HIS A 82 -26.48 27.31 -20.28
N SER A 83 -26.43 28.63 -20.23
CA SER A 83 -25.23 29.41 -20.61
C SER A 83 -24.04 29.06 -19.69
N TYR A 84 -24.25 29.02 -18.37
CA TYR A 84 -23.25 28.53 -17.37
C TYR A 84 -22.71 27.15 -17.77
N LEU A 85 -23.60 26.20 -17.96
CA LEU A 85 -23.16 24.82 -18.30
C LEU A 85 -22.34 24.87 -19.59
N GLU A 86 -22.70 25.75 -20.52
CA GLU A 86 -22.12 25.73 -21.89
C GLU A 86 -20.68 26.26 -21.82
N ARG A 87 -20.49 27.28 -20.98
CA ARG A 87 -19.25 28.08 -20.82
C ARG A 87 -18.20 27.16 -20.19
N HIS A 88 -18.58 26.63 -19.04
CA HIS A 88 -17.75 25.70 -18.24
C HIS A 88 -17.73 24.28 -18.84
N GLY A 89 -18.12 24.07 -20.10
CA GLY A 89 -17.80 22.85 -20.85
C GLY A 89 -18.45 21.59 -20.28
N LEU A 90 -19.69 21.73 -19.83
CA LEU A 90 -20.47 20.62 -19.22
C LEU A 90 -21.47 20.06 -20.22
N ILE A 91 -21.80 20.88 -21.22
CA ILE A 91 -22.70 20.54 -22.36
C ILE A 91 -22.05 21.15 -23.59
N ASN A 92 -22.31 20.66 -24.79
CA ASN A 92 -21.69 21.21 -26.03
C ASN A 92 -20.18 21.35 -25.79
N PHE A 93 -19.53 20.20 -25.57
CA PHE A 93 -18.05 20.03 -25.55
C PHE A 93 -17.68 18.80 -26.38
N GLY A 94 -16.46 18.83 -26.90
CA GLY A 94 -15.94 17.79 -27.80
C GLY A 94 -16.33 18.03 -29.24
N ILE A 95 -17.03 17.06 -29.83
CA ILE A 95 -17.34 17.01 -31.29
C ILE A 95 -18.82 16.76 -31.45
N TYR A 96 -19.57 17.85 -31.43
CA TYR A 96 -21.04 17.88 -31.69
C TYR A 96 -21.19 18.44 -33.08
N LYS A 97 -22.29 18.06 -33.74
CA LYS A 97 -22.86 18.77 -34.91
C LYS A 97 -23.53 20.05 -34.36
N ARG A 98 -23.05 21.21 -34.84
CA ARG A 98 -23.59 22.54 -34.46
C ARG A 98 -25.01 22.62 -35.00
N ILE A 99 -25.84 23.49 -34.43
CA ILE A 99 -27.17 23.85 -35.03
C ILE A 99 -27.00 25.22 -35.68
N LYS A 100 -26.65 26.24 -34.89
CA LYS A 100 -26.43 27.65 -35.37
C LYS A 100 -24.97 27.81 -35.74
N PRO A 101 -24.59 27.88 -37.06
CA PRO A 101 -23.18 27.87 -37.45
C PRO A 101 -22.37 28.98 -36.77
N LEU A 102 -21.05 28.82 -36.79
CA LEU A 102 -20.05 29.58 -35.98
C LEU A 102 -20.28 31.07 -36.18
N PRO A 103 -20.17 31.92 -35.13
CA PRO A 103 -20.10 33.36 -35.34
C PRO A 103 -19.32 33.68 -36.62
N THR A 104 -20.03 34.33 -37.55
CA THR A 104 -19.53 34.93 -38.81
C THR A 104 -18.19 35.65 -38.56
N LYS A 105 -18.21 36.61 -37.63
CA LYS A 105 -17.08 37.49 -37.25
C LYS A 105 -16.62 37.07 -35.84
N LYS A 106 -15.31 36.86 -35.67
CA LYS A 106 -14.69 36.41 -34.40
C LYS A 106 -14.40 37.60 -33.48
N THR A 107 -14.10 37.34 -32.21
CA THR A 107 -13.85 38.33 -31.14
C THR A 107 -12.65 37.84 -30.32
N GLY A 108 -11.59 38.63 -30.20
CA GLY A 108 -10.36 38.24 -29.47
C GLY A 108 -9.52 37.24 -30.24
N LYS A 109 -8.19 37.34 -30.12
CA LYS A 109 -7.22 36.35 -30.66
C LYS A 109 -6.54 35.67 -29.45
N VAL A 110 -6.55 34.34 -29.44
CA VAL A 110 -5.82 33.46 -28.48
C VAL A 110 -4.81 32.60 -29.25
N ILE A 111 -3.57 32.61 -28.77
CA ILE A 111 -2.56 31.58 -29.11
C ILE A 111 -2.59 30.51 -28.01
N ILE A 112 -2.83 29.27 -28.44
CA ILE A 112 -2.67 28.03 -27.64
C ILE A 112 -1.33 27.36 -27.99
N ILE A 113 -0.42 27.27 -27.02
CA ILE A 113 0.84 26.47 -27.15
C ILE A 113 0.53 24.98 -26.91
N GLY A 114 0.74 24.16 -27.93
CA GLY A 114 0.64 22.69 -27.88
C GLY A 114 -0.73 22.24 -28.30
N SER A 115 -0.84 21.25 -29.21
CA SER A 115 -2.13 20.59 -29.58
C SER A 115 -2.22 19.21 -28.92
N GLY A 116 -1.82 19.11 -27.64
CA GLY A 116 -2.23 18.04 -26.70
C GLY A 116 -3.73 17.97 -26.53
N VAL A 117 -4.23 17.03 -25.74
CA VAL A 117 -5.71 17.00 -25.54
C VAL A 117 -6.14 18.28 -24.81
N SER A 118 -5.47 18.69 -23.73
CA SER A 118 -5.66 20.01 -23.07
C SER A 118 -5.83 21.08 -24.16
N GLY A 119 -4.81 21.27 -25.01
CA GLY A 119 -4.86 22.27 -26.08
C GLY A 119 -6.11 22.19 -26.96
N LEU A 120 -6.28 21.04 -27.61
CA LEU A 120 -7.36 20.84 -28.59
C LEU A 120 -8.69 21.08 -27.88
N ALA A 121 -8.86 20.64 -26.66
CA ALA A 121 -10.15 20.76 -25.98
C ALA A 121 -10.47 22.25 -25.82
N ALA A 122 -9.56 23.02 -25.22
CA ALA A 122 -9.68 24.48 -25.12
C ALA A 122 -9.91 25.13 -26.49
N ALA A 123 -9.08 24.86 -27.50
CA ALA A 123 -9.29 25.39 -28.87
C ALA A 123 -10.76 25.27 -29.26
N ARG A 124 -11.31 24.06 -29.36
CA ARG A 124 -12.73 23.85 -29.78
C ARG A 124 -13.70 24.74 -28.98
N GLN A 125 -13.53 24.80 -27.66
CA GLN A 125 -14.43 25.61 -26.79
C GLN A 125 -14.37 27.07 -27.25
N LEU A 126 -13.17 27.61 -27.31
CA LEU A 126 -12.91 29.03 -27.61
C LEU A 126 -13.50 29.33 -28.98
N GLN A 127 -13.11 28.57 -30.00
CA GLN A 127 -13.60 28.70 -31.38
C GLN A 127 -15.14 28.70 -31.38
N SER A 128 -15.75 27.75 -30.70
CA SER A 128 -17.23 27.66 -30.62
C SER A 128 -17.78 28.87 -29.86
N PHE A 129 -17.05 29.50 -28.97
CA PHE A 129 -17.50 30.79 -28.36
C PHE A 129 -17.18 31.95 -29.30
N GLY A 130 -16.72 31.66 -30.52
CA GLY A 130 -16.31 32.64 -31.55
C GLY A 130 -15.10 33.48 -31.14
N MET A 131 -13.95 32.87 -30.91
CA MET A 131 -12.68 33.62 -30.79
C MET A 131 -11.83 33.15 -31.95
N ASP A 132 -10.78 33.90 -32.29
CA ASP A 132 -9.79 33.46 -33.29
C ASP A 132 -8.83 32.61 -32.47
N VAL A 133 -8.81 31.32 -32.74
CA VAL A 133 -7.88 30.43 -32.00
C VAL A 133 -6.88 29.88 -33.00
N THR A 134 -5.62 29.86 -32.58
CA THR A 134 -4.51 29.25 -33.35
C THR A 134 -3.64 28.48 -32.35
N LEU A 135 -3.51 27.20 -32.62
CA LEU A 135 -2.60 26.31 -31.88
C LEU A 135 -1.23 26.33 -32.56
N LEU A 136 -0.17 26.41 -31.75
CA LEU A 136 1.22 26.21 -32.18
C LEU A 136 1.76 24.91 -31.59
N GLU A 137 1.99 23.92 -32.43
CA GLU A 137 2.51 22.58 -32.05
C GLU A 137 3.92 22.47 -32.61
N ALA A 138 4.90 22.09 -31.77
CA ALA A 138 6.28 21.74 -32.22
C ALA A 138 6.30 20.44 -33.06
N ARG A 139 5.45 19.47 -32.74
CA ARG A 139 5.50 18.15 -33.42
C ARG A 139 4.95 18.29 -34.84
N ASP A 140 5.20 17.29 -35.69
CA ASP A 140 4.52 17.09 -37.00
C ASP A 140 3.17 16.39 -36.80
N ARG A 141 2.61 16.34 -35.58
CA ARG A 141 1.29 15.71 -35.34
C ARG A 141 0.59 16.27 -34.11
N VAL A 142 -0.72 16.03 -34.08
CA VAL A 142 -1.54 16.37 -32.88
C VAL A 142 -1.30 15.30 -31.82
N GLY A 143 -1.77 15.53 -30.60
CA GLY A 143 -1.99 14.49 -29.57
C GLY A 143 -0.98 14.55 -28.44
N GLY A 144 0.24 14.97 -28.77
CA GLY A 144 1.35 14.95 -27.81
C GLY A 144 1.50 13.58 -27.19
N ARG A 145 1.23 13.49 -25.90
CA ARG A 145 1.49 12.28 -25.08
C ARG A 145 0.38 11.25 -25.32
N VAL A 146 -0.59 11.55 -26.19
CA VAL A 146 -1.46 10.54 -26.83
C VAL A 146 -0.86 10.35 -28.20
N ALA A 147 0.03 9.39 -28.29
CA ALA A 147 0.61 8.89 -29.53
C ALA A 147 0.08 7.48 -29.73
N THR A 148 -0.07 7.15 -31.00
CA THR A 148 -0.37 5.81 -31.54
C THR A 148 0.66 5.49 -32.61
N PHE A 149 1.07 4.23 -32.69
CA PHE A 149 1.89 3.65 -33.78
C PHE A 149 0.93 3.04 -34.79
N ARG A 150 1.18 3.26 -36.08
CA ARG A 150 0.39 2.70 -37.21
C ARG A 150 1.31 2.30 -38.35
N LYS A 151 0.94 1.22 -39.02
CA LYS A 151 1.66 0.50 -40.11
C LYS A 151 0.75 -0.69 -40.43
N GLY A 152 0.39 -0.85 -41.70
CA GLY A 152 -0.60 -1.86 -42.12
C GLY A 152 -1.78 -1.92 -41.15
N ASN A 153 -1.94 -3.02 -40.41
CA ASN A 153 -3.00 -3.20 -39.38
C ASN A 153 -2.34 -3.19 -38.00
N TYR A 154 -1.00 -3.15 -37.94
CA TYR A 154 -0.28 -2.90 -36.67
C TYR A 154 -0.73 -1.53 -36.14
N VAL A 155 -1.03 -1.49 -34.84
CA VAL A 155 -1.65 -0.32 -34.15
C VAL A 155 -1.39 -0.46 -32.65
N ALA A 156 -0.62 0.45 -32.08
CA ALA A 156 -0.17 0.35 -30.67
C ALA A 156 0.19 1.72 -30.08
N ASP A 157 -0.56 2.17 -29.07
CA ASP A 157 -0.29 3.41 -28.32
C ASP A 157 1.11 3.32 -27.67
N LEU A 158 2.01 4.22 -28.05
CA LEU A 158 3.28 4.48 -27.31
C LEU A 158 2.99 5.46 -26.18
N GLY A 159 1.76 5.99 -26.18
CA GLY A 159 1.31 7.02 -25.23
C GLY A 159 0.31 6.44 -24.27
N ALA A 160 -0.69 7.21 -23.89
CA ALA A 160 -1.87 6.70 -23.16
C ALA A 160 -2.55 5.62 -23.99
N MET A 161 -3.10 4.61 -23.30
CA MET A 161 -3.73 3.35 -23.82
C MET A 161 -4.99 3.03 -23.01
N VAL A 162 -5.18 3.66 -21.84
CA VAL A 162 -6.21 3.28 -20.83
C VAL A 162 -7.21 4.42 -20.61
N VAL A 163 -8.49 4.05 -20.64
CA VAL A 163 -9.62 4.90 -20.15
C VAL A 163 -9.96 4.39 -18.75
N THR A 164 -10.02 5.24 -17.72
CA THR A 164 -10.23 4.77 -16.34
C THR A 164 -11.72 4.63 -16.04
N GLY A 165 -12.53 4.21 -16.99
CA GLY A 165 -13.87 3.71 -16.62
C GLY A 165 -14.83 4.87 -16.49
N LEU A 166 -16.07 4.67 -16.92
CA LEU A 166 -16.83 5.75 -17.61
C LEU A 166 -17.77 6.49 -16.64
N GLY A 167 -17.74 6.12 -15.37
CA GLY A 167 -18.64 6.67 -14.34
C GLY A 167 -18.15 8.01 -13.87
N GLY A 168 -18.53 9.04 -14.61
CA GLY A 168 -18.10 10.43 -14.35
C GLY A 168 -16.96 10.82 -15.26
N ASN A 169 -16.69 10.01 -16.27
CA ASN A 169 -15.55 10.23 -17.18
C ASN A 169 -16.07 11.05 -18.34
N PRO A 170 -15.46 12.23 -18.60
CA PRO A 170 -15.75 13.00 -19.79
C PRO A 170 -15.54 12.11 -21.00
N MET A 171 -14.59 11.19 -20.93
CA MET A 171 -14.23 10.41 -22.15
C MET A 171 -15.39 9.50 -22.52
N ALA A 172 -16.31 9.25 -21.57
CA ALA A 172 -17.62 8.61 -21.80
C ALA A 172 -18.27 9.26 -23.01
N VAL A 173 -18.49 10.58 -22.89
CA VAL A 173 -19.06 11.46 -23.95
C VAL A 173 -18.15 11.46 -25.19
N VAL A 174 -16.86 11.67 -25.03
CA VAL A 174 -15.98 11.74 -26.24
C VAL A 174 -16.12 10.42 -27.01
N SER A 175 -16.23 9.28 -26.32
CA SER A 175 -16.21 7.94 -26.96
C SER A 175 -17.49 7.76 -27.78
N LYS A 176 -18.61 8.33 -27.34
CA LYS A 176 -19.90 8.33 -28.08
C LYS A 176 -19.78 9.25 -29.32
N GLN A 177 -18.89 10.24 -29.32
CA GLN A 177 -18.71 11.21 -30.44
C GLN A 177 -17.60 10.73 -31.39
N VAL A 178 -16.90 9.62 -31.12
CA VAL A 178 -15.80 9.13 -32.01
C VAL A 178 -15.88 7.60 -32.24
N ASN A 179 -15.35 7.12 -33.38
CA ASN A 179 -15.14 5.68 -33.71
C ASN A 179 -14.08 5.16 -32.75
N MET A 180 -14.44 4.99 -31.50
CA MET A 180 -13.50 4.71 -30.39
C MET A 180 -13.83 3.31 -29.86
N GLU A 181 -13.10 2.30 -30.30
CA GLU A 181 -13.37 0.86 -29.98
C GLU A 181 -12.84 0.58 -28.57
N LEU A 182 -13.70 0.72 -27.55
CA LEU A 182 -13.33 0.50 -26.12
C LEU A 182 -13.51 -0.97 -25.76
N ALA A 183 -12.50 -1.56 -25.13
CA ALA A 183 -12.45 -2.99 -24.73
C ALA A 183 -11.99 -3.07 -23.28
N LYS A 184 -12.86 -3.59 -22.40
CA LYS A 184 -12.55 -3.74 -20.96
C LYS A 184 -11.26 -4.57 -20.80
N ILE A 185 -10.55 -4.39 -19.71
CA ILE A 185 -9.24 -5.05 -19.46
C ILE A 185 -9.53 -6.26 -18.56
N LYS A 186 -9.27 -7.46 -19.07
CA LYS A 186 -9.45 -8.74 -18.34
C LYS A 186 -8.41 -8.76 -17.22
N GLN A 187 -8.85 -8.78 -15.95
CA GLN A 187 -7.99 -8.46 -14.78
C GLN A 187 -7.04 -9.61 -14.41
N LYS A 188 -7.17 -10.82 -14.97
CA LYS A 188 -6.20 -11.95 -14.77
C LYS A 188 -4.80 -11.54 -15.27
N CYS A 189 -3.78 -11.56 -14.40
CA CYS A 189 -2.37 -11.25 -14.77
C CYS A 189 -1.42 -12.26 -14.13
N PRO A 190 -1.11 -13.38 -14.81
CA PRO A 190 -0.15 -14.35 -14.27
C PRO A 190 1.30 -13.83 -14.23
N LEU A 191 2.05 -14.14 -13.17
CA LEU A 191 3.48 -13.73 -13.06
C LEU A 191 4.38 -14.93 -13.42
N TYR A 192 5.70 -14.71 -13.57
CA TYR A 192 6.65 -15.63 -14.27
C TYR A 192 8.09 -15.29 -13.91
N GLU A 193 8.61 -15.85 -12.82
CA GLU A 193 9.96 -15.52 -12.27
C GLU A 193 11.03 -15.73 -13.35
N ALA A 194 12.20 -15.14 -13.09
CA ALA A 194 13.37 -15.03 -13.98
C ALA A 194 13.46 -16.24 -14.93
N ASN A 195 13.75 -17.43 -14.39
CA ASN A 195 13.86 -18.75 -15.09
C ASN A 195 12.76 -18.94 -16.16
N GLY A 196 11.49 -18.70 -15.81
CA GLY A 196 10.36 -18.84 -16.74
C GLY A 196 9.15 -19.48 -16.09
N GLN A 197 9.34 -20.07 -14.91
CA GLN A 197 8.28 -20.86 -14.23
C GLN A 197 7.21 -19.87 -13.76
N ALA A 198 5.94 -20.09 -14.14
CA ALA A 198 4.76 -19.36 -13.57
C ALA A 198 4.96 -19.13 -12.07
N VAL A 199 4.07 -18.41 -11.42
CA VAL A 199 4.12 -18.31 -9.93
C VAL A 199 2.94 -19.14 -9.44
N PRO A 200 3.14 -20.12 -8.53
CA PRO A 200 2.02 -20.92 -8.05
C PRO A 200 0.93 -19.96 -7.54
N LYS A 201 -0.34 -20.19 -7.92
CA LYS A 201 -1.50 -19.39 -7.42
C LYS A 201 -1.37 -19.17 -5.90
N GLU A 202 -1.12 -20.25 -5.14
CA GLU A 202 -0.83 -20.21 -3.68
C GLU A 202 -0.22 -18.87 -3.29
N LYS A 203 1.00 -18.61 -3.80
CA LYS A 203 1.94 -17.51 -3.44
C LYS A 203 1.39 -16.17 -3.93
N ASP A 204 1.19 -16.08 -5.25
CA ASP A 204 0.73 -14.86 -5.97
C ASP A 204 -0.25 -14.09 -5.07
N GLU A 205 -1.26 -14.79 -4.58
CA GLU A 205 -2.31 -14.27 -3.66
C GLU A 205 -1.70 -13.76 -2.34
N MET A 206 -0.70 -14.44 -1.79
CA MET A 206 -0.31 -14.28 -0.36
C MET A 206 0.80 -13.25 -0.27
N VAL A 207 1.30 -12.82 -1.43
CA VAL A 207 2.19 -11.63 -1.60
C VAL A 207 1.33 -10.39 -1.86
N GLU A 208 0.48 -10.44 -2.89
CA GLU A 208 -0.47 -9.34 -3.21
C GLU A 208 -1.23 -8.97 -1.94
N GLN A 209 -1.76 -9.96 -1.22
CA GLN A 209 -2.26 -9.78 0.16
C GLN A 209 -1.28 -8.86 0.92
N GLU A 210 0.01 -9.21 0.94
CA GLU A 210 0.98 -8.54 1.85
C GLU A 210 1.22 -7.13 1.33
N PHE A 211 1.40 -6.99 0.01
CA PHE A 211 1.57 -5.70 -0.71
C PHE A 211 0.50 -4.68 -0.28
N ASN A 212 -0.78 -5.10 -0.38
CA ASN A 212 -1.95 -4.25 -0.05
C ASN A 212 -1.81 -3.86 1.43
N ARG A 213 -1.43 -4.82 2.26
CA ARG A 213 -1.28 -4.65 3.73
C ARG A 213 -0.12 -3.66 3.99
N LEU A 214 0.96 -3.80 3.24
CA LEU A 214 2.15 -2.92 3.43
C LEU A 214 1.75 -1.48 3.10
N LEU A 215 1.00 -1.27 2.02
CA LEU A 215 0.48 0.08 1.70
C LEU A 215 -0.35 0.58 2.87
N GLU A 216 -1.49 -0.07 3.19
CA GLU A 216 -2.37 0.36 4.33
C GLU A 216 -1.45 0.75 5.50
N ALA A 217 -0.38 -0.02 5.68
CA ALA A 217 0.61 0.18 6.76
C ALA A 217 1.20 1.60 6.70
N THR A 218 1.53 2.06 5.48
CA THR A 218 2.19 3.38 5.24
C THR A 218 1.15 4.45 5.52
N SER A 219 -0.08 4.18 5.11
CA SER A 219 -1.19 5.14 5.34
C SER A 219 -1.36 5.32 6.86
N TYR A 220 -1.32 4.21 7.61
CA TYR A 220 -1.30 4.22 9.10
C TYR A 220 -0.09 5.04 9.57
N LEU A 221 1.08 4.68 9.06
CA LEU A 221 2.36 5.28 9.52
C LEU A 221 2.29 6.78 9.33
N SER A 222 1.62 7.23 8.25
CA SER A 222 1.51 8.64 7.80
C SER A 222 0.49 9.37 8.68
N HIS A 223 -0.78 8.95 8.63
CA HIS A 223 -1.97 9.63 9.21
C HIS A 223 -1.93 9.56 10.75
N GLN A 224 -1.79 8.35 11.32
CA GLN A 224 -1.98 8.05 12.76
C GLN A 224 -0.73 8.41 13.55
N LEU A 225 0.44 8.02 13.06
CA LEU A 225 1.72 8.24 13.79
C LEU A 225 2.38 9.55 13.36
N ASP A 226 1.81 10.24 12.37
CA ASP A 226 2.41 11.42 11.68
C ASP A 226 3.92 11.17 11.48
N PHE A 227 4.27 10.32 10.52
CA PHE A 227 5.65 10.00 10.11
C PHE A 227 5.87 10.62 8.72
N ASN A 228 6.04 11.94 8.66
CA ASN A 228 5.90 12.72 7.39
C ASN A 228 7.11 13.63 7.15
N VAL A 229 7.88 13.98 8.19
CA VAL A 229 9.25 14.55 8.05
C VAL A 229 10.23 13.58 8.72
N LEU A 230 11.44 13.46 8.19
CA LEU A 230 12.54 12.67 8.77
C LEU A 230 13.83 13.49 8.67
N ASN A 231 14.22 14.14 9.77
CA ASN A 231 15.44 15.00 9.89
C ASN A 231 15.45 15.98 8.70
N ASN A 232 14.34 16.73 8.57
CA ASN A 232 14.19 17.97 7.75
C ASN A 232 13.67 17.64 6.35
N LYS A 233 14.04 16.49 5.76
CA LYS A 233 13.52 16.04 4.44
C LYS A 233 12.08 15.52 4.59
N PRO A 234 11.20 15.70 3.59
CA PRO A 234 9.87 15.09 3.66
C PRO A 234 10.03 13.57 3.45
N VAL A 235 9.06 12.80 3.90
CA VAL A 235 9.13 11.31 3.87
C VAL A 235 8.50 10.81 2.57
N SER A 236 9.26 9.99 1.86
CA SER A 236 8.90 9.26 0.62
C SER A 236 7.97 8.10 0.98
N LEU A 237 7.14 7.65 0.06
CA LEU A 237 6.34 6.42 0.24
C LEU A 237 7.32 5.25 0.38
N GLY A 238 8.16 5.04 -0.63
CA GLY A 238 9.31 4.10 -0.56
C GLY A 238 9.99 4.07 0.81
N GLN A 239 10.38 5.21 1.38
CA GLN A 239 10.99 5.25 2.75
C GLN A 239 10.06 4.54 3.73
N ALA A 240 8.82 5.01 3.86
CA ALA A 240 7.78 4.43 4.73
C ALA A 240 7.68 2.93 4.49
N LEU A 241 7.53 2.50 3.23
CA LEU A 241 7.44 1.06 2.86
C LEU A 241 8.62 0.28 3.47
N GLU A 242 9.86 0.75 3.27
CA GLU A 242 11.06 0.12 3.90
C GLU A 242 10.84 0.07 5.41
N VAL A 243 10.69 1.22 6.06
CA VAL A 243 10.42 1.28 7.52
C VAL A 243 9.37 0.21 7.91
N VAL A 244 8.24 0.12 7.22
CA VAL A 244 7.19 -0.85 7.60
C VAL A 244 7.81 -2.25 7.48
N ILE A 245 8.38 -2.58 6.32
CA ILE A 245 8.95 -3.93 6.05
C ILE A 245 9.95 -4.27 7.15
N GLN A 246 10.84 -3.34 7.49
CA GLN A 246 11.92 -3.59 8.47
C GLN A 246 11.27 -3.99 9.80
N LEU A 247 10.34 -3.16 10.29
CA LEU A 247 9.54 -3.40 11.51
C LEU A 247 8.78 -4.73 11.42
N GLN A 248 8.55 -5.27 10.22
CA GLN A 248 7.93 -6.62 10.04
C GLN A 248 9.00 -7.70 10.20
N GLU A 249 10.20 -7.52 9.64
CA GLU A 249 11.38 -8.40 9.92
C GLU A 249 11.68 -8.38 11.42
N LYS A 250 11.68 -7.20 12.03
CA LYS A 250 12.00 -6.97 13.46
C LYS A 250 11.05 -7.78 14.33
N HIS A 251 9.76 -7.70 14.10
CA HIS A 251 8.76 -8.51 14.84
C HIS A 251 9.04 -10.01 14.65
N VAL A 252 9.00 -10.55 13.43
CA VAL A 252 9.35 -11.98 13.13
C VAL A 252 10.42 -12.49 14.11
N LYS A 253 11.55 -11.79 14.24
CA LYS A 253 12.66 -12.09 15.18
C LYS A 253 12.18 -11.94 16.63
N ASP A 254 11.91 -10.71 17.08
CA ASP A 254 11.30 -10.41 18.42
C ASP A 254 10.44 -11.58 18.93
N GLU A 255 9.70 -12.29 18.06
CA GLU A 255 8.76 -13.41 18.42
C GLU A 255 9.53 -14.69 18.69
N GLN A 256 10.36 -15.08 17.72
CA GLN A 256 11.35 -16.19 17.85
C GLN A 256 12.04 -16.03 19.21
N ILE A 257 12.73 -14.91 19.41
CA ILE A 257 13.41 -14.59 20.69
C ILE A 257 12.47 -14.99 21.83
N GLU A 258 11.26 -14.43 21.93
CA GLU A 258 10.41 -14.61 23.14
C GLU A 258 9.80 -16.02 23.19
N HIS A 259 9.88 -16.82 22.11
CA HIS A 259 9.50 -18.27 22.09
C HIS A 259 10.61 -19.15 22.69
N TRP A 260 11.77 -19.21 22.04
CA TRP A 260 12.97 -19.87 22.61
C TRP A 260 13.21 -19.42 24.06
N LYS A 261 12.94 -18.15 24.40
CA LYS A 261 13.01 -17.60 25.79
C LYS A 261 12.02 -18.35 26.69
N LYS A 262 10.84 -18.69 26.18
CA LYS A 262 9.75 -19.32 26.95
C LYS A 262 10.03 -20.83 27.04
N ILE A 263 10.90 -21.36 26.19
CA ILE A 263 11.47 -22.72 26.34
C ILE A 263 12.43 -22.76 27.54
N VAL A 264 13.45 -21.91 27.60
CA VAL A 264 14.46 -21.96 28.69
C VAL A 264 13.75 -21.79 30.04
N LYS A 265 12.86 -20.80 30.19
CA LYS A 265 11.99 -20.70 31.41
C LYS A 265 11.56 -22.14 31.77
N THR A 266 11.10 -22.93 30.79
CA THR A 266 10.56 -24.31 30.97
C THR A 266 11.73 -25.29 31.17
N GLN A 267 12.59 -25.46 30.16
CA GLN A 267 13.79 -26.34 30.20
C GLN A 267 14.66 -26.08 31.45
N GLU A 268 14.61 -24.91 32.07
CA GLU A 268 15.38 -24.58 33.30
C GLU A 268 14.51 -24.70 34.56
N GLU A 269 13.21 -24.98 34.42
CA GLU A 269 12.31 -25.44 35.51
C GLU A 269 12.51 -26.96 35.65
N LEU A 270 12.61 -27.66 34.53
CA LEU A 270 12.87 -29.12 34.45
C LEU A 270 14.19 -29.42 35.16
N LYS A 271 15.20 -28.57 35.00
CA LYS A 271 16.52 -28.65 35.69
C LYS A 271 16.33 -28.48 37.21
N GLU A 272 15.60 -27.45 37.67
CA GLU A 272 15.36 -27.19 39.12
C GLU A 272 14.62 -28.38 39.77
N LEU A 273 14.12 -29.31 38.97
CA LEU A 273 13.30 -30.47 39.40
C LEU A 273 14.13 -31.75 39.29
N LEU A 274 14.70 -32.03 38.13
CA LEU A 274 15.70 -33.12 37.99
C LEU A 274 16.68 -33.05 39.17
N ASN A 275 17.02 -31.85 39.68
CA ASN A 275 17.83 -31.72 40.91
C ASN A 275 17.08 -32.29 42.12
N LYS A 276 15.97 -31.69 42.56
CA LYS A 276 15.19 -32.23 43.72
C LYS A 276 15.07 -33.75 43.55
N MET A 277 14.79 -34.23 42.34
CA MET A 277 14.53 -35.66 42.09
C MET A 277 15.81 -36.50 42.19
N VAL A 278 16.99 -35.94 41.96
CA VAL A 278 18.30 -36.66 42.16
C VAL A 278 18.69 -36.63 43.64
N ASN A 279 18.54 -35.50 44.32
CA ASN A 279 18.79 -35.38 45.79
C ASN A 279 17.59 -35.97 46.54
N LEU A 280 17.04 -37.07 46.03
CA LEU A 280 15.91 -37.81 46.63
C LEU A 280 16.09 -39.30 46.34
N LYS A 281 16.36 -39.66 45.09
CA LYS A 281 17.04 -40.94 44.76
C LYS A 281 18.27 -41.08 45.67
N GLU A 282 18.93 -39.97 46.02
CA GLU A 282 20.02 -39.95 47.03
C GLU A 282 19.39 -40.25 48.39
N LYS A 283 18.63 -39.32 48.95
CA LYS A 283 18.06 -39.49 50.32
C LYS A 283 17.36 -40.83 50.50
N ILE A 284 16.76 -41.40 49.44
CA ILE A 284 15.98 -42.69 49.47
C ILE A 284 16.95 -43.88 49.48
N LYS A 285 18.03 -43.84 48.71
CA LYS A 285 19.15 -44.81 48.81
C LYS A 285 19.53 -45.01 50.29
N GLU A 286 20.16 -44.03 50.96
CA GLU A 286 20.37 -43.99 52.43
C GLU A 286 19.24 -44.72 53.17
N LEU A 287 18.04 -44.12 53.19
CA LEU A 287 16.88 -44.55 54.03
C LEU A 287 16.61 -46.05 53.88
N HIS A 288 16.67 -46.59 52.67
CA HIS A 288 16.39 -48.02 52.38
C HIS A 288 17.44 -48.93 53.05
N GLN A 289 18.73 -48.72 52.76
CA GLN A 289 19.88 -49.29 53.52
C GLN A 289 19.55 -49.26 55.01
N GLN A 290 19.33 -48.08 55.58
CA GLN A 290 19.06 -47.85 57.02
C GLN A 290 17.90 -48.72 57.51
N TYR A 291 16.87 -48.92 56.68
CA TYR A 291 15.69 -49.76 57.00
C TYR A 291 16.05 -51.24 56.87
N LYS A 292 16.67 -51.63 55.75
CA LYS A 292 17.32 -52.96 55.59
C LYS A 292 18.12 -53.27 56.88
N GLU A 293 19.15 -52.49 57.20
CA GLU A 293 20.05 -52.68 58.38
C GLU A 293 19.25 -52.83 59.69
N ALA A 294 18.15 -52.10 59.81
CA ALA A 294 17.37 -52.03 61.05
C ALA A 294 16.40 -53.21 61.11
N SER A 295 16.01 -53.77 59.96
CA SER A 295 15.19 -55.00 59.81
C SER A 295 16.09 -56.23 59.95
N GLU A 296 17.41 -56.06 59.81
CA GLU A 296 18.46 -57.08 60.12
C GLU A 296 18.15 -57.68 61.49
N VAL A 297 18.21 -56.82 62.52
CA VAL A 297 17.82 -57.11 63.94
C VAL A 297 16.58 -58.03 63.95
N LYS A 298 16.79 -59.35 63.79
CA LYS A 298 15.76 -60.40 63.98
C LYS A 298 15.03 -60.13 65.30
N PRO A 299 13.70 -60.29 65.31
CA PRO A 299 12.93 -60.23 66.56
C PRO A 299 13.14 -61.50 67.39
N PRO A 300 12.73 -61.54 68.68
CA PRO A 300 11.99 -60.45 69.31
C PRO A 300 13.03 -59.38 69.62
N ARG A 301 12.57 -58.12 69.56
CA ARG A 301 13.40 -56.91 69.74
C ARG A 301 12.72 -55.98 70.74
N ASP A 302 13.49 -55.11 71.36
CA ASP A 302 12.93 -54.14 72.31
C ASP A 302 12.25 -53.11 71.42
N ILE A 303 11.35 -52.35 72.02
CA ILE A 303 10.45 -51.44 71.28
C ILE A 303 11.22 -50.31 70.58
N THR A 304 12.36 -49.84 71.10
CA THR A 304 13.23 -48.86 70.37
C THR A 304 13.64 -49.41 68.98
N ALA A 305 14.09 -50.67 68.87
CA ALA A 305 14.53 -51.24 67.58
C ALA A 305 13.32 -51.54 66.68
N GLU A 306 12.14 -51.75 67.27
CA GLU A 306 10.88 -52.01 66.53
C GLU A 306 10.42 -50.68 65.93
N PHE A 307 10.48 -49.63 66.74
CA PHE A 307 10.16 -48.24 66.37
C PHE A 307 11.10 -47.80 65.25
N LEU A 308 12.39 -48.05 65.43
CA LEU A 308 13.39 -47.63 64.42
C LEU A 308 13.04 -48.25 63.08
N VAL A 309 12.67 -49.52 63.04
CA VAL A 309 12.20 -50.15 61.77
C VAL A 309 10.99 -49.38 61.26
N LYS A 310 9.89 -49.37 62.04
CA LYS A 310 8.60 -48.79 61.60
C LYS A 310 8.82 -47.30 61.26
N SER A 311 9.41 -46.51 62.17
CA SER A 311 9.83 -45.13 61.87
C SER A 311 10.39 -45.05 60.43
N LYS A 312 11.59 -45.56 60.18
CA LYS A 312 12.23 -45.60 58.84
C LYS A 312 11.24 -46.04 57.74
N HIS A 313 10.34 -46.99 57.98
CA HIS A 313 9.43 -47.50 56.91
C HIS A 313 8.54 -46.35 56.43
N ARG A 314 7.86 -45.71 57.36
CA ARG A 314 7.06 -44.48 57.12
C ARG A 314 7.91 -43.46 56.37
N ASP A 315 8.93 -42.92 57.05
CA ASP A 315 9.91 -41.94 56.51
C ASP A 315 10.23 -42.23 55.04
N LEU A 316 10.38 -43.48 54.65
CA LEU A 316 10.81 -43.85 53.28
C LEU A 316 9.58 -43.88 52.35
N THR A 317 8.40 -44.34 52.79
CA THR A 317 7.17 -44.26 51.93
C THR A 317 6.75 -42.79 51.77
N ALA A 318 7.07 -41.90 52.72
CA ALA A 318 6.92 -40.43 52.56
C ALA A 318 7.74 -39.95 51.36
N LEU A 319 9.05 -40.20 51.35
CA LEU A 319 9.95 -39.68 50.30
C LEU A 319 9.65 -40.38 48.98
N CYS A 320 9.01 -41.54 49.00
CA CYS A 320 8.61 -42.26 47.76
C CYS A 320 7.34 -41.63 47.18
N LYS A 321 6.50 -41.07 48.04
CA LYS A 321 5.37 -40.18 47.64
C LYS A 321 6.00 -38.99 46.91
N GLU A 322 6.70 -38.08 47.63
CA GLU A 322 7.37 -36.88 47.06
C GLU A 322 7.90 -37.16 45.64
N TYR A 323 8.72 -38.20 45.45
CA TYR A 323 9.42 -38.49 44.17
C TYR A 323 8.41 -38.90 43.10
N ASP A 324 7.26 -39.46 43.49
CA ASP A 324 6.20 -39.84 42.53
C ASP A 324 5.45 -38.57 42.06
N GLU A 325 5.34 -37.55 42.93
CA GLU A 325 4.67 -36.25 42.65
C GLU A 325 5.61 -35.32 41.87
N LEU A 326 6.91 -35.62 41.86
CA LEU A 326 7.93 -34.84 41.13
C LEU A 326 8.19 -35.46 39.76
N ALA A 327 7.89 -36.75 39.55
CA ALA A 327 7.93 -37.40 38.22
C ALA A 327 6.53 -37.35 37.60
N GLU A 328 5.54 -36.89 38.39
CA GLU A 328 4.25 -36.32 37.92
C GLU A 328 4.61 -35.14 37.02
N THR A 329 5.13 -34.10 37.66
CA THR A 329 5.70 -32.86 37.08
C THR A 329 6.66 -33.14 35.91
N GLN A 330 7.73 -33.91 36.10
CA GLN A 330 8.70 -34.25 35.00
C GLN A 330 7.97 -34.69 33.72
N GLY A 331 6.76 -35.26 33.84
CA GLY A 331 5.97 -35.78 32.70
C GLY A 331 5.36 -34.64 31.90
N LYS A 332 4.65 -33.74 32.58
CA LYS A 332 3.94 -32.54 32.03
C LYS A 332 4.93 -31.58 31.36
N LEU A 333 5.96 -31.15 32.12
CA LEU A 333 7.01 -30.22 31.65
C LEU A 333 7.63 -30.79 30.38
N GLU A 334 7.80 -32.10 30.28
CA GLU A 334 8.53 -32.74 29.15
C GLU A 334 7.64 -32.81 27.90
N GLU A 335 6.31 -32.72 28.08
CA GLU A 335 5.32 -32.60 26.98
C GLU A 335 5.28 -31.14 26.53
N LYS A 336 4.88 -30.24 27.45
CA LYS A 336 4.96 -28.76 27.27
C LYS A 336 6.18 -28.35 26.44
N LEU A 337 7.33 -29.04 26.56
CA LEU A 337 8.58 -28.75 25.77
C LEU A 337 8.44 -29.20 24.31
N GLN A 338 7.93 -30.42 24.04
CA GLN A 338 7.76 -30.95 22.65
C GLN A 338 6.61 -30.23 21.94
N GLU A 339 5.68 -29.61 22.69
CA GLU A 339 4.66 -28.66 22.17
C GLU A 339 5.40 -27.46 21.55
N LEU A 340 6.19 -26.74 22.36
CA LEU A 340 6.96 -25.55 21.93
C LEU A 340 7.98 -25.93 20.84
N GLU A 341 8.50 -27.16 20.86
CA GLU A 341 9.45 -27.67 19.84
C GLU A 341 8.71 -27.89 18.51
N ALA A 342 7.38 -28.05 18.54
CA ALA A 342 6.57 -28.54 17.39
C ALA A 342 5.98 -27.40 16.58
N ASN A 343 5.53 -26.30 17.23
CA ASN A 343 4.97 -25.08 16.55
C ASN A 343 5.81 -23.84 16.87
N PRO A 344 6.91 -23.60 16.12
CA PRO A 344 7.76 -22.43 16.33
C PRO A 344 7.29 -21.29 15.43
N PRO A 345 7.01 -20.07 15.95
CA PRO A 345 6.69 -18.92 15.10
C PRO A 345 7.56 -18.82 13.84
N SER A 346 7.01 -18.11 12.84
CA SER A 346 7.52 -17.88 11.46
C SER A 346 9.07 -17.77 11.43
N ASP A 347 9.70 -18.54 10.56
CA ASP A 347 11.17 -18.54 10.35
C ASP A 347 11.65 -17.16 9.85
N VAL A 348 11.12 -16.70 8.71
CA VAL A 348 11.50 -15.43 8.02
C VAL A 348 10.25 -14.55 7.86
N TYR A 349 10.42 -13.25 7.53
CA TYR A 349 9.29 -12.38 7.09
C TYR A 349 8.91 -12.64 5.63
N LEU A 350 9.89 -12.64 4.71
CA LEU A 350 9.64 -12.87 3.26
C LEU A 350 10.79 -13.64 2.61
N SER A 351 10.51 -14.80 2.01
CA SER A 351 11.54 -15.55 1.22
C SER A 351 12.08 -14.62 0.14
N SER A 352 13.40 -14.54 -0.04
CA SER A 352 14.05 -13.71 -1.10
C SER A 352 13.38 -13.96 -2.48
N ARG A 353 12.67 -15.07 -2.66
CA ARG A 353 11.85 -15.35 -3.87
C ARG A 353 10.52 -14.57 -3.83
N ASP A 354 9.98 -14.30 -2.65
CA ASP A 354 8.78 -13.43 -2.43
C ASP A 354 9.16 -11.95 -2.60
N ARG A 355 10.13 -11.48 -1.79
CA ARG A 355 10.71 -10.10 -1.83
C ARG A 355 10.85 -9.68 -3.30
N GLN A 356 11.06 -10.64 -4.21
CA GLN A 356 11.21 -10.45 -5.69
C GLN A 356 9.85 -10.25 -6.35
N ILE A 357 8.84 -11.04 -5.93
CA ILE A 357 7.43 -10.97 -6.41
C ILE A 357 6.77 -9.71 -5.81
N LEU A 358 7.00 -9.43 -4.53
CA LEU A 358 6.61 -8.12 -3.93
C LEU A 358 7.21 -6.96 -4.76
N ASP A 359 8.40 -7.14 -5.32
CA ASP A 359 9.11 -6.06 -6.05
C ASP A 359 8.35 -5.77 -7.36
N TRP A 360 7.75 -6.78 -7.96
CA TRP A 360 6.88 -6.62 -9.14
C TRP A 360 5.60 -5.87 -8.74
N HIS A 361 5.01 -6.16 -7.58
CA HIS A 361 3.77 -5.45 -7.14
C HIS A 361 4.09 -3.96 -6.94
N PHE A 362 5.33 -3.65 -6.54
CA PHE A 362 5.91 -2.28 -6.40
C PHE A 362 6.18 -1.69 -7.79
N ALA A 363 6.95 -2.36 -8.62
CA ALA A 363 7.11 -1.99 -10.05
C ALA A 363 5.74 -1.59 -10.60
N ASN A 364 4.68 -2.37 -10.37
CA ASN A 364 3.36 -2.01 -10.94
C ASN A 364 2.96 -0.62 -10.44
N LEU A 365 3.11 -0.35 -9.13
CA LEU A 365 2.84 0.97 -8.51
C LEU A 365 3.72 2.06 -9.15
N GLU A 366 4.98 1.76 -9.47
CA GLU A 366 5.94 2.75 -10.06
C GLU A 366 5.49 3.03 -11.50
N PHE A 367 4.76 2.10 -12.09
CA PHE A 367 4.28 2.29 -13.48
C PHE A 367 3.12 3.27 -13.42
N ALA A 368 2.13 2.91 -12.66
CA ALA A 368 0.96 3.76 -12.34
C ALA A 368 1.39 5.20 -12.05
N ASN A 369 2.45 5.39 -11.31
CA ASN A 369 2.80 6.74 -10.81
C ASN A 369 3.93 7.33 -11.67
N ALA A 370 4.48 6.55 -12.60
CA ALA A 370 5.60 6.94 -13.47
C ALA A 370 6.78 7.50 -12.64
N THR A 371 7.13 6.90 -11.54
CA THR A 371 8.28 7.36 -10.74
C THR A 371 8.68 6.28 -9.74
N PRO A 372 9.97 6.19 -9.44
CA PRO A 372 10.43 5.54 -8.22
C PRO A 372 9.60 5.94 -7.00
N LEU A 373 9.14 4.94 -6.23
CA LEU A 373 8.34 5.17 -5.01
C LEU A 373 9.19 5.99 -4.02
N SER A 374 10.48 6.19 -4.32
CA SER A 374 11.45 6.93 -3.45
C SER A 374 11.18 8.42 -3.51
N THR A 375 10.42 8.82 -4.54
CA THR A 375 10.07 10.21 -4.97
C THR A 375 8.65 10.61 -4.52
N LEU A 376 7.69 9.68 -4.53
CA LEU A 376 6.27 9.97 -4.16
C LEU A 376 6.17 10.51 -2.74
N SER A 377 5.35 11.54 -2.56
CA SER A 377 4.99 12.11 -1.25
C SER A 377 4.30 10.99 -0.52
N LEU A 378 4.79 10.61 0.65
CA LEU A 378 4.04 9.67 1.51
C LEU A 378 2.68 10.34 1.76
N LYS A 379 2.68 11.56 2.30
CA LYS A 379 1.42 12.20 2.71
C LYS A 379 0.45 12.31 1.53
N HIS A 380 0.87 12.60 0.29
CA HIS A 380 -0.09 13.12 -0.73
C HIS A 380 -0.14 12.30 -2.02
N TRP A 381 0.62 11.22 -2.12
CA TRP A 381 0.81 10.50 -3.40
C TRP A 381 -0.55 10.09 -4.01
N ASP A 382 -1.60 10.00 -3.19
CA ASP A 382 -2.91 9.43 -3.62
C ASP A 382 -4.01 10.40 -3.17
N GLN A 383 -3.86 11.70 -3.42
CA GLN A 383 -4.84 12.76 -3.03
C GLN A 383 -6.02 12.73 -4.02
N ASP A 384 -5.75 12.38 -5.27
CA ASP A 384 -6.74 12.16 -6.37
C ASP A 384 -7.70 11.01 -6.05
N ASP A 385 -7.49 10.26 -4.96
CA ASP A 385 -8.02 8.87 -4.84
C ASP A 385 -9.53 8.94 -4.63
N ASP A 386 -10.02 10.01 -4.02
CA ASP A 386 -11.46 10.17 -3.67
C ASP A 386 -12.27 10.48 -4.94
N PHE A 387 -11.64 10.64 -6.10
CA PHE A 387 -12.32 11.15 -7.32
C PHE A 387 -12.25 10.12 -8.43
N GLU A 388 -11.83 8.88 -8.17
CA GLU A 388 -11.65 7.95 -9.32
C GLU A 388 -13.05 7.64 -9.86
N PHE A 389 -13.14 7.42 -11.16
CA PHE A 389 -14.44 7.07 -11.77
C PHE A 389 -14.78 5.66 -11.30
N THR A 390 -16.05 5.28 -11.41
CA THR A 390 -16.52 3.89 -11.26
C THR A 390 -16.53 3.23 -12.65
N GLY A 391 -16.33 1.91 -12.71
CA GLY A 391 -16.30 1.18 -13.99
C GLY A 391 -14.98 0.47 -14.18
N SER A 392 -14.95 -0.55 -15.02
CA SER A 392 -13.69 -1.27 -15.21
C SER A 392 -12.93 -0.42 -16.22
N HIS A 393 -11.62 -0.32 -16.05
CA HIS A 393 -10.68 0.31 -17.01
C HIS A 393 -10.82 -0.37 -18.37
N LEU A 394 -10.55 0.36 -19.45
CA LEU A 394 -10.69 -0.11 -20.85
C LEU A 394 -9.43 0.28 -21.58
N THR A 395 -9.36 -0.11 -22.85
CA THR A 395 -8.26 0.26 -23.76
C THR A 395 -8.86 0.62 -25.10
N VAL A 396 -8.16 1.48 -25.82
CA VAL A 396 -8.61 1.92 -27.15
C VAL A 396 -7.98 0.91 -28.06
N ARG A 397 -8.86 0.15 -28.73
CA ARG A 397 -8.55 -1.03 -29.57
C ARG A 397 -7.92 -0.49 -30.86
N ASN A 398 -8.36 0.70 -31.31
CA ASN A 398 -8.02 1.27 -32.65
C ASN A 398 -7.16 2.51 -32.51
N GLY A 399 -6.36 2.64 -31.46
CA GLY A 399 -5.39 3.73 -31.27
C GLY A 399 -6.05 4.94 -30.62
N TYR A 400 -5.49 5.46 -29.53
CA TYR A 400 -6.09 6.61 -28.79
C TYR A 400 -6.01 7.85 -29.70
N SER A 401 -5.03 7.86 -30.61
CA SER A 401 -4.76 8.96 -31.57
C SER A 401 -6.09 9.41 -32.18
N CYS A 402 -7.00 8.46 -32.43
CA CYS A 402 -8.31 8.72 -33.07
C CYS A 402 -9.00 9.93 -32.42
N VAL A 403 -8.76 10.17 -31.11
CA VAL A 403 -9.45 11.21 -30.29
C VAL A 403 -8.85 12.60 -30.53
N PRO A 404 -7.55 12.84 -30.32
CA PRO A 404 -6.91 14.09 -30.69
C PRO A 404 -7.24 14.50 -32.12
N VAL A 405 -7.13 13.55 -33.04
CA VAL A 405 -7.32 13.85 -34.47
C VAL A 405 -8.75 14.34 -34.67
N ALA A 406 -9.72 13.61 -34.15
CA ALA A 406 -11.15 14.02 -34.20
C ALA A 406 -11.28 15.47 -33.75
N LEU A 407 -10.70 15.81 -32.60
CA LEU A 407 -10.82 17.12 -31.92
C LEU A 407 -10.17 18.20 -32.78
N ALA A 408 -9.04 17.86 -33.41
CA ALA A 408 -8.23 18.79 -34.22
C ALA A 408 -8.98 19.20 -35.50
N GLU A 409 -10.00 18.47 -35.91
CA GLU A 409 -10.65 18.73 -37.21
C GLU A 409 -11.28 20.12 -37.12
N GLY A 410 -10.85 21.01 -38.02
CA GLY A 410 -11.45 22.34 -38.20
C GLY A 410 -10.82 23.41 -37.32
N LEU A 411 -9.61 23.19 -36.85
CA LEU A 411 -8.90 24.14 -35.96
C LEU A 411 -7.68 24.64 -36.74
N ASP A 412 -7.18 25.83 -36.41
CA ASP A 412 -5.98 26.40 -37.09
C ASP A 412 -4.74 25.89 -36.36
N ILE A 413 -4.15 24.81 -36.85
CA ILE A 413 -3.01 24.21 -36.13
C ILE A 413 -1.75 24.39 -36.96
N LYS A 414 -0.78 25.10 -36.41
CA LYS A 414 0.54 25.24 -37.06
C LYS A 414 1.45 24.13 -36.51
N LEU A 415 1.69 23.06 -37.26
CA LEU A 415 2.64 21.98 -36.82
C LEU A 415 4.07 22.41 -37.14
N ASN A 416 5.07 21.85 -36.48
CA ASN A 416 6.50 22.15 -36.75
C ASN A 416 6.82 23.60 -36.37
N THR A 417 6.14 24.09 -35.33
CA THR A 417 6.20 25.47 -34.81
C THR A 417 6.52 25.37 -33.32
N ALA A 418 7.80 25.38 -33.04
CA ALA A 418 8.34 25.32 -31.67
C ALA A 418 8.36 26.74 -31.11
N VAL A 419 7.50 26.97 -30.13
CA VAL A 419 7.49 28.22 -29.34
C VAL A 419 8.83 28.33 -28.59
N ARG A 420 9.45 29.49 -28.71
CA ARG A 420 10.77 29.76 -28.10
C ARG A 420 10.66 30.82 -27.00
N GLN A 421 9.79 31.82 -27.17
CA GLN A 421 9.58 32.96 -26.21
C GLN A 421 8.09 33.35 -26.16
N VAL A 422 7.58 33.53 -24.94
CA VAL A 422 6.20 34.04 -24.70
C VAL A 422 6.37 35.37 -23.97
N ARG A 423 5.90 36.47 -24.59
CA ARG A 423 5.89 37.84 -24.03
C ARG A 423 4.43 38.28 -23.81
N TYR A 424 4.19 38.83 -22.63
CA TYR A 424 2.85 39.19 -22.10
C TYR A 424 3.06 40.54 -21.41
N THR A 425 2.18 41.48 -21.74
CA THR A 425 2.20 42.82 -21.13
C THR A 425 0.77 43.35 -20.99
N ALA A 426 0.68 44.46 -20.28
CA ALA A 426 -0.59 45.18 -20.07
C ALA A 426 -1.47 45.15 -21.32
N SER A 427 -0.89 45.27 -22.51
CA SER A 427 -1.53 45.69 -23.79
C SER A 427 -1.82 44.46 -24.66
N GLY A 428 -1.12 43.35 -24.38
CA GLY A 428 -1.33 42.06 -25.05
C GLY A 428 -0.10 41.17 -24.95
N CYS A 429 -0.03 40.18 -25.85
CA CYS A 429 1.07 39.19 -25.88
C CYS A 429 1.59 39.04 -27.29
N GLU A 430 2.88 38.71 -27.37
CA GLU A 430 3.46 38.12 -28.59
C GLU A 430 4.21 36.84 -28.22
N VAL A 431 3.91 35.78 -28.99
CA VAL A 431 4.57 34.44 -29.00
C VAL A 431 5.54 34.41 -30.16
N ILE A 432 6.84 34.29 -29.88
CA ILE A 432 7.89 34.05 -30.91
C ILE A 432 8.16 32.54 -31.00
N ALA A 433 7.86 31.94 -32.16
CA ALA A 433 8.06 30.50 -32.49
C ALA A 433 9.05 30.39 -33.65
N VAL A 434 9.45 29.17 -34.01
CA VAL A 434 10.36 28.88 -35.16
C VAL A 434 9.90 27.56 -35.78
N ASN A 435 10.32 27.33 -37.02
CA ASN A 435 10.10 26.09 -37.79
C ASN A 435 11.09 25.03 -37.26
N THR A 436 10.61 23.82 -37.03
CA THR A 436 11.45 22.81 -36.33
C THR A 436 12.53 22.30 -37.27
N ARG A 437 12.30 22.46 -38.58
CA ARG A 437 13.10 21.84 -39.66
C ARG A 437 14.24 22.79 -40.08
N SER A 438 13.93 24.02 -40.50
CA SER A 438 14.92 25.13 -40.56
C SER A 438 14.69 26.06 -39.36
N THR A 439 15.46 25.87 -38.28
CA THR A 439 15.33 26.61 -36.98
C THR A 439 15.32 28.13 -37.23
N SER A 440 16.05 28.63 -38.23
CA SER A 440 16.31 30.09 -38.45
C SER A 440 15.09 30.80 -39.06
N GLN A 441 14.13 30.07 -39.64
CA GLN A 441 12.81 30.64 -40.10
C GLN A 441 11.92 30.98 -38.89
N THR A 442 11.72 32.27 -38.60
CA THR A 442 11.14 32.79 -37.33
C THR A 442 9.71 33.31 -37.52
N PHE A 443 8.81 33.00 -36.58
CA PHE A 443 7.38 33.39 -36.62
C PHE A 443 6.99 34.26 -35.41
N ILE A 444 6.07 35.19 -35.62
CA ILE A 444 5.61 36.10 -34.51
C ILE A 444 4.09 36.11 -34.51
N TYR A 445 3.49 35.74 -33.38
CA TYR A 445 2.01 35.65 -33.24
C TYR A 445 1.63 36.73 -32.23
N LYS A 446 0.79 37.70 -32.63
CA LYS A 446 0.24 38.70 -31.68
C LYS A 446 -1.13 38.18 -31.27
N CYS A 447 -1.48 38.32 -29.99
CA CYS A 447 -2.74 37.80 -29.38
C CYS A 447 -3.12 38.57 -28.09
N ASP A 448 -4.43 38.56 -27.75
CA ASP A 448 -4.98 39.06 -26.45
C ASP A 448 -4.58 38.15 -25.27
N ALA A 449 -4.47 36.85 -25.52
CA ALA A 449 -4.21 35.83 -24.48
C ALA A 449 -3.33 34.72 -25.05
N VAL A 450 -2.46 34.17 -24.20
CA VAL A 450 -1.76 32.87 -24.43
C VAL A 450 -2.28 31.82 -23.44
N LEU A 451 -2.66 30.66 -23.95
CA LEU A 451 -2.94 29.43 -23.17
C LEU A 451 -1.75 28.51 -23.34
N CYS A 452 -1.06 28.22 -22.26
CA CYS A 452 0.18 27.39 -22.24
C CYS A 452 -0.18 25.96 -21.80
N THR A 453 -0.23 25.04 -22.75
CA THR A 453 -0.34 23.58 -22.47
C THR A 453 1.04 22.93 -22.57
N LEU A 454 2.13 23.69 -22.47
CA LEU A 454 3.48 23.08 -22.30
C LEU A 454 3.41 22.12 -21.13
N PRO A 455 3.88 20.87 -21.37
CA PRO A 455 4.16 19.86 -20.36
C PRO A 455 5.04 20.29 -19.21
N LEU A 456 4.86 19.66 -18.06
CA LEU A 456 5.57 20.12 -16.86
C LEU A 456 7.07 19.89 -17.10
N GLY A 457 7.39 18.79 -17.77
CA GLY A 457 8.79 18.47 -18.12
C GLY A 457 9.47 19.63 -18.82
N VAL A 458 8.81 20.16 -19.84
CA VAL A 458 9.26 21.34 -20.63
C VAL A 458 9.42 22.56 -19.72
N LEU A 459 8.40 22.82 -18.87
CA LEU A 459 8.42 24.00 -17.96
C LEU A 459 9.63 23.86 -17.07
N LYS A 460 10.11 22.64 -16.91
CA LYS A 460 11.17 22.35 -15.93
C LYS A 460 12.54 22.48 -16.61
N GLN A 461 12.67 22.24 -17.94
CA GLN A 461 13.99 22.21 -18.68
C GLN A 461 14.95 23.27 -18.14
N GLN A 462 16.17 22.87 -17.76
CA GLN A 462 17.28 23.79 -17.40
C GLN A 462 18.45 23.46 -18.32
N PRO A 463 18.86 24.41 -19.20
CA PRO A 463 18.24 25.73 -19.30
C PRO A 463 16.92 25.75 -20.08
N PRO A 464 16.11 26.84 -19.93
CA PRO A 464 14.72 26.83 -20.40
C PRO A 464 14.59 26.59 -21.90
N ALA A 465 13.69 25.71 -22.36
CA ALA A 465 13.29 25.57 -23.79
C ALA A 465 12.52 26.81 -24.23
N VAL A 466 11.70 27.34 -23.31
CA VAL A 466 10.81 28.51 -23.55
C VAL A 466 11.13 29.59 -22.52
N GLN A 467 11.21 30.83 -22.99
CA GLN A 467 11.58 32.01 -22.19
C GLN A 467 10.29 32.79 -22.01
N PHE A 468 10.02 33.17 -20.79
CA PHE A 468 8.83 33.97 -20.42
C PHE A 468 9.28 35.43 -20.21
N VAL A 469 8.63 36.35 -20.94
CA VAL A 469 8.96 37.80 -20.81
C VAL A 469 7.69 38.58 -20.59
N PRO A 470 7.55 39.08 -19.34
CA PRO A 470 8.59 38.90 -18.32
C PRO A 470 8.59 37.51 -17.68
N PRO A 471 9.58 37.19 -16.82
CA PRO A 471 9.70 35.86 -16.28
C PRO A 471 8.53 35.55 -15.35
N LEU A 472 8.11 34.29 -15.37
CA LEU A 472 7.12 33.73 -14.42
C LEU A 472 7.59 34.10 -13.01
N PRO A 473 6.62 34.54 -12.18
CA PRO A 473 6.87 34.86 -10.78
C PRO A 473 7.33 33.67 -9.94
N GLU A 474 8.04 33.96 -8.84
CA GLU A 474 8.62 32.91 -7.94
C GLU A 474 7.48 31.94 -7.59
N TRP A 475 6.27 32.42 -7.28
CA TRP A 475 5.23 31.47 -6.80
C TRP A 475 4.99 30.37 -7.84
N LYS A 476 5.00 30.72 -9.11
CA LYS A 476 4.74 29.75 -10.19
C LYS A 476 5.96 28.84 -10.38
N THR A 477 7.17 29.39 -10.31
CA THR A 477 8.40 28.65 -10.74
C THR A 477 8.71 27.62 -9.67
N SER A 478 8.52 28.01 -8.41
CA SER A 478 8.67 27.15 -7.20
C SER A 478 7.71 25.97 -7.32
N ALA A 479 6.45 26.18 -7.67
CA ALA A 479 5.50 25.08 -7.93
C ALA A 479 6.07 24.14 -8.97
N VAL A 480 6.63 24.68 -10.06
CA VAL A 480 7.12 23.85 -11.19
C VAL A 480 8.29 23.00 -10.70
N GLN A 481 9.23 23.57 -9.92
CA GLN A 481 10.38 22.78 -9.37
C GLN A 481 9.84 21.67 -8.46
N ARG A 482 8.88 22.01 -7.60
CA ARG A 482 8.38 21.13 -6.53
C ARG A 482 7.67 19.92 -7.12
N MET A 483 6.82 20.10 -8.12
CA MET A 483 6.04 18.95 -8.62
C MET A 483 7.01 18.00 -9.26
N GLY A 484 6.59 16.76 -9.25
CA GLY A 484 7.34 15.67 -9.88
C GLY A 484 6.84 15.51 -11.28
N PHE A 485 7.77 15.33 -12.18
CA PHE A 485 7.42 14.86 -13.53
C PHE A 485 8.18 13.57 -13.66
N GLY A 486 7.43 12.52 -13.93
CA GLY A 486 7.93 11.14 -13.98
C GLY A 486 8.23 10.74 -15.42
N ASN A 487 8.29 9.43 -15.65
CA ASN A 487 8.75 8.75 -16.89
C ASN A 487 8.25 7.30 -16.86
N LEU A 488 8.12 6.72 -18.05
CA LEU A 488 7.56 5.37 -18.25
C LEU A 488 7.56 5.09 -19.75
N ASN A 489 8.42 4.19 -20.23
CA ASN A 489 8.56 3.85 -21.67
C ASN A 489 7.73 2.61 -22.06
N LYS A 490 7.59 2.34 -23.36
CA LYS A 490 6.84 1.18 -23.90
C LYS A 490 7.65 0.54 -25.03
N VAL A 491 7.68 -0.81 -25.08
CA VAL A 491 8.28 -1.54 -26.22
C VAL A 491 7.17 -2.25 -27.01
N VAL A 492 7.01 -1.82 -28.25
CA VAL A 492 5.95 -2.30 -29.17
C VAL A 492 6.59 -3.41 -30.01
N LEU A 493 6.18 -4.65 -29.72
CA LEU A 493 6.65 -5.89 -30.40
C LEU A 493 5.53 -6.37 -31.31
N CYS A 494 5.76 -6.28 -32.64
CA CYS A 494 4.89 -6.81 -33.73
C CYS A 494 5.44 -8.14 -34.26
N PHE A 495 4.55 -9.11 -34.47
CA PHE A 495 4.92 -10.51 -34.77
C PHE A 495 4.07 -11.00 -35.95
N ASP A 496 4.48 -12.12 -36.57
CA ASP A 496 3.81 -12.75 -37.74
C ASP A 496 2.60 -13.55 -37.27
N ARG A 497 2.59 -14.12 -36.05
CA ARG A 497 1.37 -14.76 -35.47
C ARG A 497 1.44 -14.89 -33.94
N VAL A 498 0.29 -15.19 -33.36
CA VAL A 498 -0.08 -15.06 -31.92
C VAL A 498 0.48 -16.23 -31.09
N PHE A 499 1.66 -16.09 -30.49
CA PHE A 499 2.30 -17.17 -29.69
C PHE A 499 2.00 -17.09 -28.18
N TRP A 500 0.93 -16.45 -27.72
CA TRP A 500 0.70 -16.18 -26.27
C TRP A 500 -0.73 -16.57 -25.95
N ASP A 501 -1.14 -16.55 -24.68
CA ASP A 501 -2.55 -16.86 -24.36
C ASP A 501 -3.45 -15.72 -24.86
N PRO A 502 -4.29 -15.94 -25.88
CA PRO A 502 -5.20 -14.89 -26.38
C PRO A 502 -6.46 -14.58 -25.56
N SER A 503 -6.69 -15.25 -24.44
CA SER A 503 -7.74 -14.81 -23.48
C SER A 503 -7.09 -14.02 -22.34
N VAL A 504 -5.75 -13.82 -22.40
CA VAL A 504 -4.94 -13.07 -21.39
C VAL A 504 -4.54 -11.70 -21.95
N ASN A 505 -5.02 -10.63 -21.31
CA ASN A 505 -4.78 -9.21 -21.71
C ASN A 505 -3.35 -8.80 -21.35
N LEU A 506 -2.86 -9.34 -20.23
CA LEU A 506 -1.58 -8.91 -19.66
C LEU A 506 -1.02 -10.01 -18.73
N PHE A 507 0.31 -10.06 -18.69
CA PHE A 507 1.10 -11.01 -17.90
C PHE A 507 2.44 -10.39 -17.51
N GLY A 508 2.79 -10.50 -16.23
CA GLY A 508 4.03 -9.94 -15.65
C GLY A 508 5.22 -10.82 -15.91
N HIS A 509 6.42 -10.25 -15.84
CA HIS A 509 7.72 -10.95 -15.70
C HIS A 509 8.29 -10.43 -14.38
N VAL A 510 8.94 -11.27 -13.59
CA VAL A 510 9.51 -10.84 -12.28
C VAL A 510 11.02 -10.71 -12.43
N GLY A 511 11.58 -9.55 -12.13
CA GLY A 511 13.02 -9.31 -12.27
C GLY A 511 13.74 -9.95 -11.12
N SER A 512 14.93 -10.49 -11.39
CA SER A 512 15.89 -10.97 -10.35
C SER A 512 15.93 -9.97 -9.19
N THR A 513 16.49 -8.79 -9.40
CA THR A 513 16.80 -7.85 -8.29
C THR A 513 15.76 -6.72 -8.27
N THR A 514 15.65 -6.04 -7.13
CA THR A 514 14.92 -4.77 -6.87
C THR A 514 15.27 -3.71 -7.94
N ALA A 515 16.56 -3.39 -8.05
CA ALA A 515 17.11 -2.34 -8.92
C ALA A 515 16.62 -2.46 -10.36
N SER A 516 16.02 -3.58 -10.75
CA SER A 516 15.55 -3.80 -12.14
C SER A 516 14.12 -4.37 -12.12
N ARG A 517 13.34 -4.00 -11.10
CA ARG A 517 11.94 -4.48 -10.97
C ARG A 517 11.09 -3.91 -12.11
N GLY A 518 11.47 -2.76 -12.66
CA GLY A 518 10.64 -2.04 -13.65
C GLY A 518 10.87 -2.55 -15.06
N GLU A 519 11.96 -3.26 -15.27
CA GLU A 519 12.54 -3.54 -16.61
C GLU A 519 11.73 -4.62 -17.36
N LEU A 520 10.90 -4.22 -18.30
CA LEU A 520 10.00 -5.13 -19.05
C LEU A 520 9.29 -6.06 -18.06
N PHE A 521 8.78 -5.46 -16.99
CA PHE A 521 8.06 -6.13 -15.88
C PHE A 521 6.61 -6.49 -16.28
N LEU A 522 6.11 -6.17 -17.46
CA LEU A 522 4.65 -6.39 -17.72
C LEU A 522 4.30 -6.21 -19.21
N PHE A 523 3.56 -7.16 -19.76
CA PHE A 523 3.34 -7.29 -21.23
C PHE A 523 1.85 -7.16 -21.52
N TRP A 524 1.47 -6.49 -22.62
CA TRP A 524 0.05 -6.26 -22.96
C TRP A 524 -0.21 -6.77 -24.38
N ASN A 525 -1.25 -7.59 -24.48
CA ASN A 525 -1.89 -8.02 -25.74
C ASN A 525 -3.31 -7.53 -25.62
N LEU A 526 -3.63 -6.48 -26.36
CA LEU A 526 -5.02 -5.96 -26.38
C LEU A 526 -5.32 -5.29 -27.73
N TYR A 527 -4.43 -5.46 -28.71
CA TYR A 527 -4.62 -5.01 -30.11
C TYR A 527 -5.06 -6.23 -30.93
N LYS A 528 -5.66 -5.99 -32.11
CA LYS A 528 -6.25 -7.03 -32.99
C LYS A 528 -5.14 -7.89 -33.65
N ALA A 529 -4.18 -7.26 -34.32
CA ALA A 529 -2.97 -7.92 -34.89
C ALA A 529 -2.09 -8.47 -33.76
N PRO A 530 -1.08 -9.30 -34.07
CA PRO A 530 -0.21 -9.90 -33.06
C PRO A 530 0.88 -8.92 -32.57
N ILE A 531 0.57 -8.26 -31.46
CA ILE A 531 1.40 -7.16 -30.89
C ILE A 531 1.47 -7.34 -29.37
N LEU A 532 2.69 -7.29 -28.86
CA LEU A 532 2.95 -7.27 -27.39
C LEU A 532 3.54 -5.92 -26.99
N LEU A 533 3.06 -5.37 -25.87
CA LEU A 533 3.59 -4.13 -25.28
C LEU A 533 4.31 -4.43 -23.97
N ALA A 534 5.60 -4.13 -23.93
CA ALA A 534 6.40 -4.24 -22.69
C ALA A 534 6.58 -2.86 -22.05
N LEU A 535 6.14 -2.73 -20.82
CA LEU A 535 6.38 -1.51 -20.01
C LEU A 535 7.79 -1.54 -19.45
N VAL A 536 8.52 -0.44 -19.50
CA VAL A 536 9.63 -0.13 -18.55
C VAL A 536 9.18 0.95 -17.57
N ALA A 537 9.12 0.65 -16.27
CA ALA A 537 8.74 1.61 -15.20
C ALA A 537 9.90 1.78 -14.24
N GLY A 538 9.71 2.54 -13.18
CA GLY A 538 10.66 2.65 -12.06
C GLY A 538 12.00 3.21 -12.47
N GLU A 539 13.00 3.07 -11.61
CA GLU A 539 14.35 3.66 -11.87
C GLU A 539 14.80 3.18 -13.25
N ALA A 540 14.21 2.09 -13.71
CA ALA A 540 14.59 1.36 -14.95
C ALA A 540 14.31 2.23 -16.16
N ALA A 541 13.17 2.93 -16.17
CA ALA A 541 12.66 3.67 -17.35
C ALA A 541 13.73 4.65 -17.76
N GLY A 542 14.21 5.41 -16.76
CA GLY A 542 15.35 6.34 -16.83
C GLY A 542 16.53 5.74 -17.55
N ILE A 543 17.01 4.58 -17.08
CA ILE A 543 18.29 3.96 -17.56
C ILE A 543 18.08 3.31 -18.94
N MET A 544 16.99 2.60 -19.15
CA MET A 544 16.68 1.92 -20.43
C MET A 544 16.77 2.91 -21.61
N GLU A 545 16.56 4.21 -21.38
CA GLU A 545 16.53 5.17 -22.51
C GLU A 545 17.93 5.27 -23.15
N ASN A 546 18.99 5.00 -22.41
CA ASN A 546 20.40 5.03 -22.89
C ASN A 546 20.76 3.77 -23.68
N ILE A 547 20.30 2.61 -23.20
CA ILE A 547 20.54 1.26 -23.79
C ILE A 547 19.79 1.19 -25.13
N SER A 548 20.36 0.54 -26.14
CA SER A 548 20.03 0.73 -27.58
C SER A 548 18.83 -0.15 -28.01
N ASP A 549 18.09 0.31 -29.01
CA ASP A 549 16.80 -0.33 -29.44
C ASP A 549 16.96 -1.85 -29.42
N ASP A 550 18.08 -2.35 -29.94
CA ASP A 550 18.29 -3.80 -30.22
C ASP A 550 18.41 -4.52 -28.87
N VAL A 551 19.42 -4.15 -28.08
CA VAL A 551 19.62 -4.71 -26.70
C VAL A 551 18.26 -4.86 -26.02
N ILE A 552 17.44 -3.79 -26.03
CA ILE A 552 16.10 -3.74 -25.37
C ILE A 552 15.25 -4.86 -25.98
N VAL A 553 15.18 -4.93 -27.31
CA VAL A 553 14.32 -5.94 -27.97
C VAL A 553 14.91 -7.31 -27.64
N GLY A 554 16.23 -7.38 -27.42
CA GLY A 554 16.91 -8.57 -26.88
C GLY A 554 16.33 -8.97 -25.54
N ARG A 555 16.68 -8.23 -24.47
CA ARG A 555 16.27 -8.51 -23.07
C ARG A 555 14.80 -8.95 -23.13
N CYS A 556 14.11 -8.49 -24.18
CA CYS A 556 12.63 -8.52 -24.36
C CYS A 556 12.20 -9.91 -24.82
N LEU A 557 12.90 -10.40 -25.84
CA LEU A 557 12.65 -11.70 -26.49
C LEU A 557 13.08 -12.79 -25.51
N ALA A 558 14.34 -12.76 -25.07
CA ALA A 558 14.87 -13.55 -23.93
C ALA A 558 13.72 -13.81 -22.94
N ILE A 559 13.17 -12.76 -22.34
CA ILE A 559 12.12 -12.82 -21.28
C ILE A 559 10.92 -13.64 -21.77
N LEU A 560 10.53 -13.48 -23.04
CA LEU A 560 9.33 -14.14 -23.64
C LEU A 560 9.59 -15.63 -23.91
N LYS A 561 10.81 -15.98 -24.36
CA LYS A 561 11.27 -17.35 -24.67
C LYS A 561 11.14 -18.22 -23.40
N GLY A 562 11.82 -17.85 -22.31
CA GLY A 562 11.69 -18.49 -20.99
C GLY A 562 10.25 -18.81 -20.57
N ILE A 563 9.27 -18.06 -21.06
CA ILE A 563 7.85 -18.13 -20.59
C ILE A 563 7.02 -18.89 -21.63
N PHE A 564 7.45 -18.94 -22.90
CA PHE A 564 6.63 -19.48 -24.02
C PHE A 564 7.44 -20.52 -24.84
N GLY A 565 8.65 -20.80 -24.36
CA GLY A 565 9.55 -21.80 -24.97
C GLY A 565 10.16 -21.25 -26.26
N SER A 566 11.48 -21.39 -26.35
CA SER A 566 12.39 -20.94 -27.44
C SER A 566 11.84 -21.30 -28.85
N SER A 567 10.98 -22.31 -28.97
CA SER A 567 10.36 -22.70 -30.27
C SER A 567 9.50 -21.57 -30.80
N ALA A 568 8.52 -21.10 -30.01
CA ALA A 568 7.31 -20.37 -30.46
C ALA A 568 7.47 -18.83 -30.46
N VAL A 569 8.69 -18.29 -30.21
CA VAL A 569 9.00 -16.82 -30.13
C VAL A 569 9.71 -16.37 -31.42
N PRO A 570 9.00 -15.92 -32.49
CA PRO A 570 9.65 -15.42 -33.73
C PRO A 570 10.55 -14.19 -33.54
N GLN A 571 11.42 -13.88 -34.50
CA GLN A 571 12.01 -12.52 -34.60
C GLN A 571 10.82 -11.60 -34.89
N PRO A 572 10.81 -10.39 -34.28
CA PRO A 572 9.69 -9.47 -34.41
C PRO A 572 9.64 -8.82 -35.79
N LYS A 573 8.47 -8.81 -36.43
CA LYS A 573 8.24 -8.19 -37.77
C LYS A 573 8.75 -6.73 -37.75
N GLU A 574 8.33 -5.90 -36.78
CA GLU A 574 8.91 -4.55 -36.48
C GLU A 574 8.64 -4.15 -35.03
N THR A 575 9.52 -3.31 -34.52
CA THR A 575 9.62 -2.94 -33.10
C THR A 575 9.62 -1.41 -32.96
N VAL A 576 9.06 -0.89 -31.85
CA VAL A 576 9.27 0.53 -31.41
C VAL A 576 9.62 0.57 -29.93
N VAL A 577 10.40 1.56 -29.55
CA VAL A 577 10.73 1.88 -28.14
C VAL A 577 10.44 3.36 -27.89
N SER A 578 9.52 3.68 -26.98
CA SER A 578 9.38 5.04 -26.37
C SER A 578 10.70 5.49 -25.70
N ARG A 579 10.89 6.80 -25.65
CA ARG A 579 12.04 7.49 -25.00
C ARG A 579 11.52 8.87 -24.59
N TRP A 580 10.55 8.85 -23.67
CA TRP A 580 9.75 10.04 -23.29
C TRP A 580 10.62 11.03 -22.50
N ARG A 581 11.57 10.59 -21.70
CA ARG A 581 12.35 11.58 -20.93
C ARG A 581 13.17 12.35 -21.96
N ALA A 582 13.61 11.68 -23.01
CA ALA A 582 14.53 12.27 -24.01
C ALA A 582 13.77 13.06 -25.08
N ASP A 583 12.50 12.74 -25.32
CA ASP A 583 11.62 13.55 -26.18
C ASP A 583 11.48 14.98 -25.65
N PRO A 584 12.01 15.99 -26.35
CA PRO A 584 12.05 17.35 -25.82
C PRO A 584 10.71 18.09 -25.80
N TRP A 585 9.61 17.50 -26.34
CA TRP A 585 8.22 18.03 -26.30
C TRP A 585 7.38 17.31 -25.22
N ALA A 586 8.10 16.75 -24.26
CA ALA A 586 7.54 15.97 -23.16
C ALA A 586 8.50 16.05 -21.98
N ARG A 587 9.79 15.77 -22.19
CA ARG A 587 10.80 15.74 -21.10
C ARG A 587 10.32 14.77 -19.98
N GLY A 588 9.56 13.72 -20.36
CA GLY A 588 8.98 12.71 -19.44
C GLY A 588 7.56 12.30 -19.83
N SER A 589 6.82 11.62 -18.94
CA SER A 589 5.55 10.91 -19.24
C SER A 589 4.37 11.64 -18.60
N TYR A 590 4.37 11.82 -17.28
CA TYR A 590 3.33 12.61 -16.58
C TYR A 590 3.64 12.93 -15.13
N SER A 591 2.82 13.77 -14.54
CA SER A 591 3.08 14.38 -13.22
C SER A 591 2.93 13.34 -12.11
N TYR A 592 3.60 13.61 -11.00
CA TYR A 592 3.47 12.85 -9.73
C TYR A 592 3.59 13.84 -8.59
N VAL A 593 3.06 13.43 -7.45
CA VAL A 593 3.11 14.30 -6.25
C VAL A 593 4.43 13.99 -5.59
N ALA A 594 5.48 14.72 -5.92
CA ALA A 594 6.83 14.46 -5.38
C ALA A 594 6.73 14.75 -3.89
N ALA A 595 7.56 14.10 -3.08
CA ALA A 595 7.67 14.43 -1.66
C ALA A 595 7.97 15.92 -1.58
N GLY A 596 7.31 16.63 -0.68
CA GLY A 596 7.55 18.08 -0.48
C GLY A 596 6.69 18.94 -1.39
N SER A 597 5.90 18.31 -2.26
CA SER A 597 4.77 18.89 -3.05
C SER A 597 3.48 18.56 -2.28
N SER A 598 2.37 19.04 -2.79
CA SER A 598 0.98 18.69 -2.41
C SER A 598 0.07 18.87 -3.63
N GLY A 599 -1.22 18.64 -3.47
CA GLY A 599 -2.20 19.01 -4.50
C GLY A 599 -2.20 20.51 -4.71
N ASN A 600 -1.85 21.27 -3.68
CA ASN A 600 -1.99 22.74 -3.75
C ASN A 600 -1.09 23.26 -4.89
N ASP A 601 -0.01 22.57 -5.21
CA ASP A 601 0.88 22.96 -6.34
C ASP A 601 0.12 22.82 -7.66
N TYR A 602 -0.63 21.73 -7.85
CA TYR A 602 -1.47 21.55 -9.07
C TYR A 602 -2.32 22.82 -9.28
N ASP A 603 -2.69 23.52 -8.20
CA ASP A 603 -3.60 24.69 -8.24
C ASP A 603 -2.82 25.93 -8.67
N LEU A 604 -1.77 26.29 -7.95
CA LEU A 604 -0.73 27.23 -8.45
C LEU A 604 -0.42 27.00 -9.94
N MET A 605 -0.14 25.77 -10.43
CA MET A 605 0.13 25.63 -11.89
C MET A 605 -1.04 26.18 -12.72
N ALA A 606 -2.29 26.22 -12.25
CA ALA A 606 -3.42 26.62 -13.13
C ALA A 606 -3.69 28.13 -13.08
N GLN A 607 -3.20 28.76 -12.01
CA GLN A 607 -3.41 30.19 -11.72
C GLN A 607 -2.79 30.97 -12.87
N PRO A 608 -3.57 31.76 -13.63
CA PRO A 608 -3.02 32.59 -14.68
C PRO A 608 -2.21 33.76 -14.11
N ILE A 609 -1.29 34.25 -14.96
CA ILE A 609 -0.35 35.35 -14.70
C ILE A 609 -0.96 36.65 -15.22
N THR A 610 -0.85 37.71 -14.43
CA THR A 610 -1.32 39.04 -14.85
C THR A 610 -0.12 39.97 -14.95
N PRO A 611 0.17 40.51 -16.15
CA PRO A 611 1.33 41.38 -16.32
C PRO A 611 1.26 42.60 -15.41
N GLY A 612 2.37 43.25 -15.13
CA GLY A 612 2.37 44.61 -14.51
C GLY A 612 1.75 45.62 -15.47
N PRO A 613 1.45 46.86 -14.99
CA PRO A 613 0.83 47.86 -15.85
C PRO A 613 1.88 48.48 -16.78
N SER A 614 1.48 48.90 -17.99
CA SER A 614 2.39 49.45 -19.04
C SER A 614 2.98 50.76 -18.51
N ILE A 615 2.12 51.78 -18.27
CA ILE A 615 2.50 53.10 -17.66
C ILE A 615 2.33 53.00 -16.14
N PRO A 616 3.31 53.39 -15.30
CA PRO A 616 3.09 53.35 -13.84
C PRO A 616 1.87 54.22 -13.52
N GLY A 617 1.12 53.82 -12.48
CA GLY A 617 -0.11 54.44 -11.97
C GLY A 617 -1.33 54.25 -12.88
N ALA A 618 -1.36 53.19 -13.66
CA ALA A 618 -2.51 52.86 -14.53
C ALA A 618 -3.26 51.68 -13.92
N PRO A 619 -4.56 51.49 -14.24
CA PRO A 619 -5.34 50.42 -13.64
C PRO A 619 -4.69 49.05 -13.88
N GLN A 620 -4.76 48.20 -12.84
CA GLN A 620 -4.66 46.70 -12.87
C GLN A 620 -5.16 46.09 -14.19
N PRO A 621 -4.25 45.47 -14.99
CA PRO A 621 -4.66 44.79 -16.22
C PRO A 621 -5.42 43.49 -15.90
N ILE A 622 -6.31 43.11 -16.82
CA ILE A 622 -6.64 41.71 -17.22
C ILE A 622 -5.38 40.83 -17.17
N PRO A 623 -5.56 39.57 -16.73
CA PRO A 623 -4.53 38.57 -16.93
C PRO A 623 -4.50 38.08 -18.39
N ARG A 624 -3.31 37.71 -18.84
CA ARG A 624 -2.99 37.47 -20.26
C ARG A 624 -2.54 36.03 -20.50
N LEU A 625 -1.80 35.44 -19.54
CA LEU A 625 -1.09 34.12 -19.66
C LEU A 625 -1.80 33.11 -18.78
N PHE A 626 -2.41 32.09 -19.41
CA PHE A 626 -3.30 31.04 -18.84
C PHE A 626 -2.62 29.68 -18.99
N PHE A 627 -2.96 28.68 -18.18
CA PHE A 627 -2.30 27.35 -18.22
C PHE A 627 -3.32 26.21 -18.07
N ALA A 628 -3.19 25.18 -18.93
CA ALA A 628 -3.93 23.91 -18.86
C ALA A 628 -2.94 22.74 -19.05
N GLY A 629 -3.44 21.51 -19.14
CA GLY A 629 -2.61 20.28 -19.19
C GLY A 629 -2.66 19.50 -17.88
N GLU A 630 -2.32 18.20 -17.94
CA GLU A 630 -2.47 17.23 -16.82
C GLU A 630 -1.85 17.79 -15.53
N HIS A 631 -0.83 18.64 -15.61
CA HIS A 631 -0.18 19.20 -14.40
C HIS A 631 -1.03 20.31 -13.74
N THR A 632 -2.19 20.68 -14.26
CA THR A 632 -2.91 21.90 -13.79
C THR A 632 -4.20 21.52 -13.07
N ILE A 633 -4.56 20.24 -13.09
CA ILE A 633 -5.88 19.81 -12.55
C ILE A 633 -5.65 18.84 -11.38
N ARG A 634 -5.69 19.42 -10.18
CA ARG A 634 -5.53 18.78 -8.85
C ARG A 634 -6.28 17.46 -8.77
N ASN A 635 -7.50 17.40 -9.29
CA ASN A 635 -8.41 16.30 -8.93
C ASN A 635 -8.33 15.18 -9.96
N TYR A 636 -7.64 15.41 -11.09
CA TYR A 636 -7.56 14.40 -12.18
C TYR A 636 -6.21 14.55 -12.84
N PRO A 637 -5.12 14.62 -12.08
CA PRO A 637 -3.79 14.77 -12.65
C PRO A 637 -3.43 13.59 -13.55
N ALA A 638 -2.35 13.82 -14.25
CA ALA A 638 -1.62 12.83 -15.05
C ALA A 638 -2.57 11.87 -15.74
N THR A 639 -3.61 12.36 -16.38
CA THR A 639 -4.54 11.51 -17.17
C THR A 639 -4.96 12.27 -18.43
N VAL A 640 -5.63 11.63 -19.36
CA VAL A 640 -6.23 12.33 -20.52
C VAL A 640 -7.47 13.11 -20.07
N HIS A 641 -8.50 12.45 -19.58
CA HIS A 641 -9.68 13.15 -19.01
C HIS A 641 -9.22 14.39 -18.21
N GLY A 642 -8.11 14.31 -17.49
CA GLY A 642 -7.66 15.47 -16.70
C GLY A 642 -7.32 16.62 -17.62
N ALA A 643 -6.47 16.36 -18.60
CA ALA A 643 -6.07 17.37 -19.62
C ALA A 643 -7.36 17.92 -20.27
N LEU A 644 -8.10 17.05 -20.95
CA LEU A 644 -9.44 17.34 -21.52
C LEU A 644 -10.17 18.33 -20.62
N LEU A 645 -10.24 18.07 -19.32
CA LEU A 645 -10.98 18.98 -18.41
C LEU A 645 -10.20 20.27 -18.24
N SER A 646 -8.90 20.20 -17.97
CA SER A 646 -8.03 21.39 -17.77
C SER A 646 -8.25 22.38 -18.91
N GLY A 647 -8.42 21.87 -20.14
CA GLY A 647 -8.68 22.66 -21.36
C GLY A 647 -10.03 23.35 -21.26
N LEU A 648 -11.08 22.55 -21.10
CA LEU A 648 -12.46 23.05 -21.03
C LEU A 648 -12.48 24.22 -20.04
N ARG A 649 -11.79 24.04 -18.91
CA ARG A 649 -11.72 24.98 -17.76
C ARG A 649 -11.14 26.31 -18.22
N GLU A 650 -9.93 26.32 -18.79
CA GLU A 650 -9.25 27.59 -19.12
C GLU A 650 -10.10 28.29 -20.20
N ALA A 651 -10.59 27.59 -21.21
CA ALA A 651 -11.45 28.21 -22.24
C ALA A 651 -12.56 29.02 -21.57
N GLY A 652 -13.31 28.44 -20.67
CA GLY A 652 -14.32 29.18 -19.89
C GLY A 652 -13.72 30.37 -19.17
N ARG A 653 -12.51 30.25 -18.60
CA ARG A 653 -11.89 31.33 -17.81
C ARG A 653 -11.47 32.46 -18.78
N ILE A 654 -10.98 32.10 -19.97
CA ILE A 654 -10.53 33.03 -21.04
C ILE A 654 -11.77 33.73 -21.64
N ALA A 655 -12.79 32.98 -22.03
CA ALA A 655 -14.08 33.55 -22.48
C ALA A 655 -14.59 34.52 -21.41
N ASP A 656 -14.65 34.13 -20.15
CA ASP A 656 -15.24 34.99 -19.10
C ASP A 656 -14.47 36.32 -19.14
N GLN A 657 -13.16 36.29 -19.33
CA GLN A 657 -12.29 37.49 -19.31
C GLN A 657 -12.46 38.36 -20.56
N PHE A 658 -12.43 37.76 -21.74
CA PHE A 658 -12.29 38.46 -23.05
C PHE A 658 -13.65 38.59 -23.73
N LEU A 659 -14.70 37.99 -23.18
CA LEU A 659 -16.07 38.02 -23.77
C LEU A 659 -17.12 38.41 -22.72
N GLY A 660 -16.73 38.66 -21.47
CA GLY A 660 -17.65 38.96 -20.34
C GLY A 660 -18.52 37.75 -19.97
N ALA A 661 -18.82 37.61 -18.67
CA ALA A 661 -19.26 36.35 -18.02
C ALA A 661 -20.65 35.87 -18.53
N MET A 662 -21.04 34.65 -18.13
CA MET A 662 -22.35 33.98 -18.40
C MET A 662 -22.55 32.78 -17.46
N ARG B 8 -7.49 4.72 10.52
CA ARG B 8 -8.11 3.49 11.08
C ARG B 8 -7.17 2.91 12.15
N LYS B 9 -6.78 1.63 12.05
CA LYS B 9 -5.82 0.97 12.98
C LYS B 9 -4.98 -0.04 12.18
N PRO B 10 -3.71 -0.32 12.57
CA PRO B 10 -2.76 -0.91 11.63
C PRO B 10 -3.29 -2.21 11.07
N PRO B 11 -3.17 -2.49 9.76
CA PRO B 11 -3.81 -3.67 9.19
C PRO B 11 -3.47 -4.83 10.15
N LYS B 12 -4.32 -5.85 10.26
CA LYS B 12 -4.13 -6.90 11.30
C LYS B 12 -2.80 -7.63 11.03
N GLY B 13 -2.09 -8.02 12.09
CA GLY B 13 -0.82 -8.78 12.00
C GLY B 13 0.39 -7.87 11.88
N MET B 14 0.36 -6.94 10.92
CA MET B 14 1.31 -5.80 10.77
C MET B 14 1.54 -5.12 12.13
N PHE B 15 2.78 -4.95 12.56
CA PHE B 15 3.09 -4.35 13.89
C PHE B 15 3.95 -3.10 13.67
N LEU B 16 3.56 -1.98 14.29
CA LEU B 16 4.25 -0.67 14.14
C LEU B 16 3.97 0.14 15.39
N SER B 17 4.78 -0.03 16.44
CA SER B 17 4.67 0.83 17.63
C SER B 17 5.16 2.23 17.26
N GLN B 18 4.62 3.26 17.90
CA GLN B 18 5.26 4.60 17.98
C GLN B 18 6.78 4.38 18.15
N GLU B 19 7.20 3.88 19.33
CA GLU B 19 8.61 3.75 19.82
C GLU B 19 9.50 3.01 18.79
N ASP B 20 8.96 2.00 18.12
CA ASP B 20 9.72 1.09 17.23
C ASP B 20 10.24 1.84 16.00
N VAL B 21 9.44 2.77 15.50
CA VAL B 21 9.73 3.51 14.24
C VAL B 21 10.91 4.45 14.50
N GLU B 22 10.86 5.22 15.61
CA GLU B 22 12.00 6.08 16.06
C GLU B 22 13.29 5.27 15.92
N ALA B 23 13.27 4.04 16.44
CA ALA B 23 14.43 3.14 16.61
C ALA B 23 15.02 2.74 15.25
N VAL B 24 14.20 2.62 14.21
CA VAL B 24 14.63 2.07 12.88
C VAL B 24 14.95 3.22 11.92
N SER B 25 14.84 4.46 12.38
CA SER B 25 15.08 5.68 11.56
C SER B 25 16.14 6.61 12.20
N ALA B 26 16.26 6.67 13.53
CA ALA B 26 16.96 7.74 14.29
C ALA B 26 18.46 7.85 13.95
N ASN B 27 19.03 6.90 13.19
CA ASN B 27 20.31 7.11 12.44
C ASN B 27 20.21 6.42 11.06
N ALA B 28 21.32 6.37 10.31
CA ALA B 28 21.42 5.97 8.88
C ALA B 28 21.21 4.45 8.75
N THR B 29 21.72 3.68 9.74
CA THR B 29 21.60 2.21 9.82
C THR B 29 21.36 1.80 11.30
N ALA B 30 20.45 2.49 12.00
CA ALA B 30 19.75 1.95 13.19
C ALA B 30 18.83 0.83 12.72
N ALA B 31 18.41 0.92 11.45
CA ALA B 31 17.80 -0.20 10.70
C ALA B 31 18.51 -1.49 11.11
N THR B 32 19.70 -1.73 10.55
CA THR B 32 20.35 -3.07 10.50
C THR B 32 21.23 -3.30 11.74
N THR B 33 21.38 -2.32 12.62
CA THR B 33 21.76 -2.55 14.04
C THR B 33 20.68 -3.39 14.70
N VAL B 34 19.55 -2.77 15.06
CA VAL B 34 18.42 -3.39 15.81
C VAL B 34 18.13 -4.80 15.24
N LEU B 35 18.26 -5.04 13.93
CA LEU B 35 17.97 -6.36 13.29
C LEU B 35 19.04 -7.41 13.62
N ARG B 36 20.33 -7.08 13.55
CA ARG B 36 21.46 -8.03 13.82
C ARG B 36 21.59 -8.26 15.34
N GLN B 37 21.53 -7.20 16.15
CA GLN B 37 21.30 -7.17 17.63
C GLN B 37 20.44 -8.36 18.09
N LEU B 38 19.32 -8.60 17.40
CA LEU B 38 18.35 -9.66 17.72
C LEU B 38 18.85 -10.98 17.11
N ASP B 39 19.32 -10.97 15.86
CA ASP B 39 19.94 -12.13 15.17
C ASP B 39 21.01 -12.74 16.08
N MET B 40 21.76 -11.89 16.79
CA MET B 40 22.84 -12.30 17.73
C MET B 40 22.20 -12.73 19.06
N GLU B 41 21.42 -11.85 19.68
CA GLU B 41 20.74 -12.10 21.00
C GLU B 41 19.77 -13.29 20.87
N LEU B 42 19.55 -13.78 19.65
CA LEU B 42 18.75 -14.99 19.41
C LEU B 42 19.67 -16.18 19.61
N VAL B 43 20.70 -16.30 18.77
CA VAL B 43 21.60 -17.49 18.68
C VAL B 43 22.25 -17.73 20.06
N SER B 44 22.52 -16.68 20.85
CA SER B 44 22.82 -16.76 22.31
C SER B 44 21.80 -17.66 23.03
N VAL B 45 20.53 -17.28 23.05
CA VAL B 45 19.41 -18.02 23.72
C VAL B 45 19.31 -19.44 23.16
N LYS B 46 19.63 -19.67 21.89
CA LYS B 46 19.60 -21.02 21.29
C LYS B 46 20.74 -21.88 21.86
N ARG B 47 21.94 -21.30 22.00
CA ARG B 47 23.14 -21.94 22.61
C ARG B 47 22.87 -22.16 24.12
N GLN B 48 22.19 -21.22 24.79
CA GLN B 48 21.87 -21.41 26.23
C GLN B 48 20.92 -22.60 26.38
N ILE B 49 20.04 -22.83 25.42
CA ILE B 49 19.15 -24.02 25.44
C ILE B 49 20.03 -25.27 25.34
N GLN B 50 20.94 -25.35 24.38
CA GLN B 50 21.86 -26.51 24.21
C GLN B 50 22.50 -26.90 25.56
N ASN B 51 23.16 -25.96 26.25
CA ASN B 51 23.67 -26.20 27.62
C ASN B 51 22.56 -26.95 28.39
N ILE B 52 21.51 -26.24 28.80
CA ILE B 52 20.46 -26.68 29.78
C ILE B 52 19.72 -27.94 29.26
N LYS B 53 19.90 -28.33 28.00
CA LYS B 53 19.30 -29.57 27.45
C LYS B 53 20.25 -30.72 27.74
N GLN B 54 21.56 -30.47 27.63
CA GLN B 54 22.62 -31.47 27.91
C GLN B 54 22.83 -31.63 29.43
N THR B 55 22.94 -30.52 30.17
CA THR B 55 22.87 -30.46 31.66
C THR B 55 21.69 -31.34 32.15
N ASN B 56 20.55 -31.29 31.47
CA ASN B 56 19.30 -32.00 31.88
C ASN B 56 19.37 -33.48 31.50
N SER B 57 19.98 -33.88 30.37
CA SER B 57 20.00 -35.29 29.91
C SER B 57 21.04 -36.11 30.71
N ALA B 58 21.96 -35.44 31.43
CA ALA B 58 22.83 -36.04 32.47
C ALA B 58 21.97 -36.42 33.68
N LEU B 59 21.29 -35.45 34.29
CA LEU B 59 20.42 -35.68 35.47
C LEU B 59 19.37 -36.75 35.16
N LYS B 60 19.11 -37.08 33.90
CA LYS B 60 18.08 -38.10 33.58
C LYS B 60 18.77 -39.47 33.58
N GLU B 61 20.04 -39.49 33.20
CA GLU B 61 20.94 -40.66 33.30
C GLU B 61 21.00 -41.07 34.77
N LYS B 62 21.22 -40.09 35.65
CA LYS B 62 21.48 -40.24 37.10
C LYS B 62 20.22 -40.78 37.80
N LEU B 63 19.05 -40.67 37.16
CA LEU B 63 17.76 -41.16 37.71
C LEU B 63 17.39 -42.51 37.07
N ASP B 64 18.17 -42.98 36.10
CA ASP B 64 17.86 -44.22 35.34
C ASP B 64 17.82 -45.42 36.29
N GLY B 65 16.62 -45.92 36.56
CA GLY B 65 16.32 -46.83 37.68
C GLY B 65 14.99 -46.48 38.31
N GLY B 66 14.56 -45.22 38.17
CA GLY B 66 13.47 -44.62 38.96
C GLY B 66 13.81 -44.77 40.44
N ILE B 67 12.87 -45.26 41.24
CA ILE B 67 13.17 -45.66 42.65
C ILE B 67 12.67 -47.10 42.89
N GLU B 68 12.57 -47.93 41.84
CA GLU B 68 11.79 -49.20 41.90
C GLU B 68 12.41 -50.16 42.91
N PRO B 69 13.75 -50.38 42.91
CA PRO B 69 14.38 -51.31 43.87
C PRO B 69 14.20 -50.88 45.34
N TYR B 70 13.90 -49.60 45.56
CA TYR B 70 13.92 -48.93 46.89
C TYR B 70 12.48 -48.78 47.44
N ARG B 71 11.46 -49.35 46.79
CA ARG B 71 10.06 -49.09 47.27
C ARG B 71 9.65 -50.28 48.13
N LEU B 72 8.85 -50.01 49.16
CA LEU B 72 8.53 -51.04 50.18
C LEU B 72 7.04 -51.35 50.09
N PRO B 73 6.67 -52.63 49.86
CA PRO B 73 5.27 -53.08 49.91
C PRO B 73 4.33 -52.35 50.89
N GLU B 74 3.04 -52.30 50.53
CA GLU B 74 1.98 -51.56 51.26
C GLU B 74 1.29 -52.53 52.23
N VAL B 75 1.59 -52.41 53.53
CA VAL B 75 0.93 -53.20 54.62
C VAL B 75 -0.46 -52.58 54.86
N ILE B 76 -1.53 -53.33 54.57
CA ILE B 76 -2.97 -52.90 54.68
C ILE B 76 -3.52 -53.39 56.02
N GLN B 77 -3.70 -52.50 57.00
CA GLN B 77 -3.82 -52.84 58.45
C GLN B 77 -5.20 -52.41 58.98
N LYS B 78 -5.72 -53.16 59.95
CA LYS B 78 -7.15 -53.13 60.38
C LYS B 78 -7.31 -52.12 61.53
N CYS B 79 -7.52 -50.84 61.19
CA CYS B 79 -7.47 -49.63 62.07
C CYS B 79 -8.18 -49.83 63.43
N ASN B 80 -7.62 -50.71 64.30
CA ASN B 80 -8.11 -51.18 65.63
C ASN B 80 -8.24 -50.03 66.66
N ALA B 81 -8.84 -50.28 67.84
CA ALA B 81 -9.00 -49.30 68.95
C ALA B 81 -8.41 -49.82 70.29
N ARG B 82 -7.98 -51.10 70.30
CA ARG B 82 -7.04 -51.74 71.26
C ARG B 82 -5.73 -50.94 71.29
N TRP B 83 -5.44 -50.24 72.39
CA TRP B 83 -4.09 -49.70 72.72
C TRP B 83 -3.24 -50.73 73.47
N THR B 84 -2.48 -51.59 72.76
CA THR B 84 -1.49 -52.53 73.39
C THR B 84 -0.35 -51.71 73.99
N THR B 85 0.31 -52.23 75.01
CA THR B 85 1.46 -51.54 75.66
C THR B 85 2.58 -51.35 74.63
N GLU B 86 2.67 -52.29 73.68
CA GLU B 86 3.59 -52.21 72.51
C GLU B 86 3.28 -50.88 71.79
N GLU B 87 2.03 -50.71 71.35
CA GLU B 87 1.50 -49.55 70.59
C GLU B 87 1.68 -48.26 71.40
N GLN B 88 1.44 -48.28 72.71
CA GLN B 88 1.58 -47.06 73.55
C GLN B 88 3.02 -46.52 73.44
N LEU B 89 3.99 -47.42 73.31
CA LEU B 89 5.41 -47.02 73.40
C LEU B 89 5.81 -46.47 72.04
N LEU B 90 5.58 -47.26 70.98
CA LEU B 90 5.67 -46.76 69.58
C LEU B 90 5.15 -45.31 69.53
N ALA B 91 3.92 -45.10 70.01
CA ALA B 91 3.25 -43.78 70.03
C ALA B 91 4.21 -42.75 70.65
N VAL B 92 4.48 -42.85 71.96
CA VAL B 92 5.42 -41.91 72.65
C VAL B 92 6.64 -41.62 71.79
N GLN B 93 7.30 -42.64 71.26
CA GLN B 93 8.60 -42.49 70.55
C GLN B 93 8.38 -41.69 69.28
N ALA B 94 7.21 -41.83 68.66
CA ALA B 94 6.79 -41.10 67.44
C ALA B 94 6.58 -39.62 67.82
N ILE B 95 5.82 -39.38 68.89
CA ILE B 95 5.62 -38.04 69.51
C ILE B 95 7.00 -37.42 69.76
N ARG B 96 7.94 -38.22 70.26
CA ARG B 96 9.32 -37.79 70.58
C ARG B 96 10.02 -37.30 69.30
N LYS B 97 9.61 -37.74 68.11
CA LYS B 97 10.40 -37.58 66.84
C LYS B 97 9.57 -37.00 65.71
N TYR B 98 8.31 -36.65 65.93
CA TYR B 98 7.46 -36.12 64.83
C TYR B 98 6.77 -34.84 65.27
N GLY B 99 6.85 -34.50 66.56
CA GLY B 99 6.05 -33.43 67.19
C GLY B 99 4.57 -33.75 67.14
N ARG B 100 3.82 -33.03 66.29
CA ARG B 100 2.35 -33.14 66.25
C ARG B 100 1.87 -33.73 64.91
N ASP B 101 2.79 -34.16 64.03
CA ASP B 101 2.43 -34.68 62.67
C ASP B 101 1.62 -35.99 62.84
N PHE B 102 0.39 -35.86 63.37
CA PHE B 102 -0.48 -36.99 63.78
C PHE B 102 -0.59 -37.98 62.61
N GLN B 103 -0.37 -37.52 61.38
CA GLN B 103 -0.52 -38.36 60.17
C GLN B 103 0.58 -39.42 60.18
N ALA B 104 1.83 -38.97 60.37
CA ALA B 104 3.03 -39.82 60.56
C ALA B 104 2.72 -40.82 61.66
N ILE B 105 2.50 -40.29 62.87
CA ILE B 105 2.28 -41.10 64.11
C ILE B 105 1.23 -42.20 63.88
N SER B 106 0.20 -41.93 63.09
CA SER B 106 -0.73 -42.99 62.62
C SER B 106 0.04 -43.97 61.74
N ASP B 107 0.67 -43.49 60.66
CA ASP B 107 1.33 -44.39 59.67
C ASP B 107 2.34 -45.29 60.38
N VAL B 108 3.05 -44.76 61.40
CA VAL B 108 4.13 -45.45 62.18
C VAL B 108 3.51 -46.66 62.90
N ILE B 109 2.53 -46.39 63.77
CA ILE B 109 1.86 -47.42 64.62
C ILE B 109 1.19 -48.47 63.71
N GLY B 110 0.33 -48.02 62.79
CA GLY B 110 -0.22 -48.82 61.67
C GLY B 110 -1.52 -49.51 62.04
N ASN B 111 -2.17 -49.07 63.11
CA ASN B 111 -3.49 -49.55 63.57
C ASN B 111 -4.06 -48.50 64.53
N LYS B 112 -4.00 -47.23 64.12
CA LYS B 112 -4.64 -46.10 64.83
C LYS B 112 -4.96 -45.05 63.77
N SER B 113 -6.24 -44.72 63.60
CA SER B 113 -6.71 -43.56 62.80
C SER B 113 -6.28 -42.27 63.51
N VAL B 114 -6.05 -41.21 62.73
CA VAL B 114 -5.49 -39.91 63.22
C VAL B 114 -6.38 -39.44 64.39
N VAL B 115 -7.62 -39.93 64.41
CA VAL B 115 -8.61 -39.70 65.49
C VAL B 115 -7.96 -40.25 66.77
N GLN B 116 -7.69 -41.55 66.77
CA GLN B 116 -7.26 -42.32 67.96
C GLN B 116 -5.96 -41.70 68.44
N VAL B 117 -5.08 -41.32 67.51
CA VAL B 117 -3.74 -40.72 67.81
C VAL B 117 -3.92 -39.42 68.58
N LYS B 118 -4.98 -38.66 68.26
CA LYS B 118 -5.27 -37.35 68.88
C LYS B 118 -5.95 -37.61 70.22
N ASN B 119 -6.88 -38.57 70.26
CA ASN B 119 -7.47 -39.16 71.50
C ASN B 119 -6.36 -39.38 72.55
N PHE B 120 -5.58 -40.45 72.34
CA PHE B 120 -4.38 -40.85 73.10
C PHE B 120 -3.64 -39.59 73.58
N PHE B 121 -3.40 -38.73 72.59
CA PHE B 121 -2.54 -37.53 72.73
C PHE B 121 -2.94 -36.71 73.95
N VAL B 122 -4.19 -36.88 74.42
CA VAL B 122 -4.71 -36.16 75.63
C VAL B 122 -5.05 -37.17 76.73
N ASN B 123 -5.71 -38.29 76.43
CA ASN B 123 -6.07 -39.31 77.46
C ASN B 123 -4.86 -39.66 78.34
N TYR B 124 -3.70 -39.95 77.73
CA TYR B 124 -2.50 -40.40 78.48
C TYR B 124 -1.77 -39.13 78.91
N ARG B 125 -1.32 -38.36 77.93
CA ARG B 125 -0.89 -36.94 78.08
C ARG B 125 -0.04 -36.71 79.34
N ARG B 126 -0.62 -36.82 80.54
CA ARG B 126 0.13 -36.53 81.80
C ARG B 126 0.86 -37.81 82.22
N ARG B 127 0.28 -38.99 81.93
CA ARG B 127 0.85 -40.32 82.28
C ARG B 127 2.11 -40.61 81.46
N PHE B 128 2.24 -40.01 80.27
CA PHE B 128 3.43 -40.15 79.39
C PHE B 128 4.18 -38.80 79.23
N ASN B 129 4.13 -37.95 80.27
CA ASN B 129 4.64 -36.54 80.32
C ASN B 129 4.76 -35.91 78.92
N ILE B 130 3.70 -35.99 78.10
CA ILE B 130 3.70 -35.70 76.64
C ILE B 130 4.07 -34.23 76.38
N ASP B 131 3.84 -33.37 77.39
CA ASP B 131 4.29 -31.95 77.38
C ASP B 131 5.82 -31.97 77.30
N GLU B 132 6.42 -32.61 78.31
CA GLU B 132 7.89 -32.76 78.50
C GLU B 132 8.51 -33.34 77.24
N VAL B 133 7.82 -34.31 76.64
CA VAL B 133 8.25 -35.02 75.39
C VAL B 133 8.18 -34.04 74.22
N LEU B 134 7.08 -33.29 74.08
CA LEU B 134 6.92 -32.38 72.92
C LEU B 134 7.93 -31.23 73.00
N GLN B 135 8.29 -30.78 74.22
CA GLN B 135 9.28 -29.69 74.45
C GLN B 135 10.69 -30.19 74.10
N GLU B 136 10.88 -31.51 74.07
CA GLU B 136 12.10 -32.18 73.52
C GLU B 136 12.15 -31.96 71.99
N TRP B 137 11.05 -32.23 71.26
CA TRP B 137 10.97 -32.06 69.77
C TRP B 137 11.18 -30.60 69.38
N GLU B 138 11.16 -29.68 70.37
CA GLU B 138 11.54 -28.24 70.24
C GLU B 138 13.05 -28.12 69.94
N ALA B 139 13.93 -28.63 70.81
CA ALA B 139 15.41 -28.57 70.64
C ALA B 139 15.88 -29.05 69.23
N GLU B 140 14.98 -29.49 68.33
CA GLU B 140 15.29 -29.84 66.92
C GLU B 140 14.62 -28.82 65.98
#